data_8RTA
#
_entry.id   8RTA
#
loop_
_entity.id
_entity.type
_entity.pdbx_description
1 polymer 'TrwG protein'
2 polymer 'TrwE protein'
#
loop_
_entity_poly.entity_id
_entity_poly.type
_entity_poly.pdbx_seq_one_letter_code
_entity_poly.pdbx_strand_id
1 'polypeptide(L)'
;MSKKQPKPVKAEQLKSYYEESRGLERDLIGEFVKSRKTAWRVATASGLFGLLGMVCGIVGFSQPAPAPLVLRVDNATGAV
DVVTTLREHESSYGEVVDTYWLNQYVLNREAYDYNTIQMNYDTTALLSAPAVQQDYYKLFDGSNARDRVLGNKARITVRV
RSIQPNGRGQATVRFTTQQHNSNGTVEAPQHQIATIGYTYIGAPMRSSDRLLNPLGFQVTSYRADPEILNN
;
D,E,F,G
2 'polypeptide(L)'
;MFGRKKGDVIDAGAELERAEQERIEGEYGASELASERRPHTPGARTLLMVLLCVIAVVLVTLSYKAYKVRGVVEDDDAQP
QQVVRQVIPGYTPRPIRPEPENVPEPPQPTTSVPAIQPAPVTQPVRPQPTGPREKTPYELARERMLRSGLTAGSGGGEDL
PRPQGGDVPAGGLMGGGGGGGELAEKLQPMRLSGSSAGRLGNRDMLITQGTQLDCVLETRLVTTQPGMTTCHLTRDVYST
SGRVVLLDRGSKVVGFYQGGLRQGQARIFVQWSRIETPSGVVINLDSPGTGPLGEAGLGGWIDRHFWERFGGAIMISLIG
DLGDWASRQGSRQGDNSIQFSNTANGVESAAAEALRNSINIPPTLYKNQGERVNILVARDLDFSDVYSLESIPTK
;
H,I
#
# COMPACT_ATOMS: atom_id res chain seq x y z
N GLN A 63 25.77 10.84 14.26
CA GLN A 63 24.98 11.19 13.05
C GLN A 63 24.51 9.89 12.38
N PRO A 64 25.36 8.84 12.30
CA PRO A 64 24.88 7.56 11.76
C PRO A 64 23.85 7.00 12.76
N ALA A 65 22.74 6.45 12.26
CA ALA A 65 21.67 5.98 13.17
C ALA A 65 21.46 4.47 13.03
N PRO A 66 20.52 3.86 13.78
CA PRO A 66 20.25 2.43 13.59
C PRO A 66 20.06 2.14 12.10
N ALA A 67 20.73 1.10 11.58
CA ALA A 67 20.64 0.80 10.13
C ALA A 67 19.18 0.50 9.81
N PRO A 68 18.65 0.94 8.65
CA PRO A 68 17.21 0.74 8.40
C PRO A 68 16.90 -0.76 8.45
N LEU A 69 15.84 -1.13 9.17
CA LEU A 69 15.49 -2.56 9.33
C LEU A 69 14.22 -2.86 8.54
N VAL A 70 14.25 -3.87 7.68
CA VAL A 70 13.03 -4.25 6.90
C VAL A 70 12.38 -5.43 7.61
N LEU A 71 11.17 -5.25 8.12
CA LEU A 71 10.43 -6.38 8.73
C LEU A 71 9.67 -7.08 7.62
N ARG A 72 10.36 -7.90 6.82
CA ARG A 72 9.72 -8.54 5.68
C ARG A 72 8.41 -9.21 6.09
N VAL A 73 7.35 -8.82 5.33
CA VAL A 73 6.05 -9.39 5.62
C VAL A 73 5.62 -10.33 4.49
N ASP A 74 5.37 -11.60 4.87
CA ASP A 74 4.86 -12.58 3.93
C ASP A 74 3.40 -12.29 3.57
N ASN A 75 3.07 -12.10 2.30
CA ASN A 75 1.76 -11.72 1.77
C ASN A 75 0.74 -12.86 1.91
N ALA A 76 1.22 -14.12 2.09
CA ALA A 76 0.38 -15.31 2.14
C ALA A 76 0.11 -15.73 3.58
N THR A 77 1.07 -15.50 4.45
CA THR A 77 0.97 -15.99 5.81
C THR A 77 0.92 -14.83 6.80
N GLY A 78 1.43 -13.65 6.40
CA GLY A 78 1.46 -12.49 7.30
C GLY A 78 2.60 -12.58 8.29
N ALA A 79 3.50 -13.54 8.11
CA ALA A 79 4.65 -13.72 9.03
C ALA A 79 5.58 -12.50 8.92
N VAL A 80 6.15 -12.06 10.04
CA VAL A 80 6.99 -10.83 10.03
C VAL A 80 8.46 -11.21 10.23
N ASP A 81 9.33 -10.82 9.29
CA ASP A 81 10.80 -11.09 9.40
C ASP A 81 11.47 -9.90 10.09
N VAL A 82 12.80 -9.92 10.19
CA VAL A 82 13.52 -8.85 10.93
C VAL A 82 14.80 -8.46 10.17
N VAL A 83 15.55 -7.48 10.67
CA VAL A 83 16.86 -7.13 10.06
C VAL A 83 17.71 -8.39 10.07
N THR A 84 18.67 -8.53 9.15
CA THR A 84 19.44 -9.80 9.05
C THR A 84 20.85 -9.54 8.51
N THR A 85 21.60 -10.61 8.25
CA THR A 85 22.97 -10.50 7.67
C THR A 85 22.84 -10.29 6.17
N LEU A 86 21.61 -10.15 5.68
CA LEU A 86 21.33 -9.93 4.23
C LEU A 86 21.99 -8.63 3.77
N ARG A 87 22.22 -7.67 4.69
CA ARG A 87 22.95 -6.44 4.30
C ARG A 87 24.35 -6.83 3.79
N GLU A 88 25.03 -7.75 4.49
CA GLU A 88 26.38 -8.22 4.08
C GLU A 88 26.22 -9.43 3.16
N HIS A 89 25.09 -9.50 2.44
CA HIS A 89 24.80 -10.64 1.53
C HIS A 89 23.88 -10.10 0.44
N GLU A 90 23.13 -10.95 -0.26
CA GLU A 90 22.15 -10.40 -1.23
C GLU A 90 20.87 -10.05 -0.45
N SER A 91 20.67 -8.76 -0.16
CA SER A 91 19.49 -8.33 0.65
C SER A 91 18.20 -8.65 -0.11
N SER A 92 18.18 -8.41 -1.42
CA SER A 92 16.97 -8.80 -2.22
C SER A 92 16.85 -10.32 -2.17
N TYR A 93 15.65 -10.83 -1.88
CA TYR A 93 15.47 -12.29 -1.74
C TYR A 93 14.17 -12.71 -2.44
N GLY A 94 14.15 -13.93 -2.99
CA GLY A 94 12.92 -14.44 -3.63
C GLY A 94 12.83 -14.07 -5.10
N GLU A 95 12.73 -15.06 -5.99
CA GLU A 95 12.54 -14.81 -7.44
C GLU A 95 11.59 -13.63 -7.65
N VAL A 96 10.39 -13.69 -7.08
CA VAL A 96 9.40 -12.62 -7.26
C VAL A 96 9.98 -11.23 -7.00
N VAL A 97 10.67 -11.10 -5.89
CA VAL A 97 11.25 -9.82 -5.53
C VAL A 97 12.40 -9.45 -6.46
N ASP A 98 13.32 -10.40 -6.73
CA ASP A 98 14.45 -10.06 -7.56
C ASP A 98 14.03 -9.68 -8.97
N THR A 99 13.03 -10.38 -9.55
CA THR A 99 12.61 -10.08 -10.91
C THR A 99 12.02 -8.68 -10.97
N TYR A 100 11.29 -8.26 -9.93
CA TYR A 100 10.82 -6.89 -9.89
C TYR A 100 11.94 -5.89 -10.01
N TRP A 101 12.96 -6.04 -9.17
CA TRP A 101 14.05 -5.07 -9.19
C TRP A 101 14.80 -5.06 -10.50
N LEU A 102 15.01 -6.24 -11.07
CA LEU A 102 15.70 -6.40 -12.34
C LEU A 102 14.90 -5.71 -13.45
N ASN A 103 13.57 -5.86 -13.43
CA ASN A 103 12.68 -5.19 -14.36
C ASN A 103 12.74 -3.70 -14.25
N GLN A 104 12.57 -3.20 -13.02
CA GLN A 104 12.54 -1.77 -12.85
C GLN A 104 13.89 -1.17 -13.22
N TYR A 105 14.98 -1.88 -12.90
CA TYR A 105 16.31 -1.41 -13.24
C TYR A 105 16.48 -1.27 -14.74
N VAL A 106 16.18 -2.33 -15.48
CA VAL A 106 16.35 -2.31 -16.93
C VAL A 106 15.46 -1.29 -17.59
N LEU A 107 14.19 -1.26 -17.21
CA LEU A 107 13.29 -0.34 -17.83
C LEU A 107 13.78 1.08 -17.64
N ASN A 108 14.07 1.48 -16.40
CA ASN A 108 14.48 2.85 -16.15
C ASN A 108 15.83 3.18 -16.76
N ARG A 109 16.78 2.23 -16.71
CA ARG A 109 18.11 2.42 -17.25
C ARG A 109 18.10 2.64 -18.75
N GLU A 110 17.41 1.74 -19.48
CA GLU A 110 17.39 1.73 -20.94
C GLU A 110 16.43 2.77 -21.55
N ALA A 111 15.35 3.11 -20.84
CA ALA A 111 14.32 4.05 -21.32
C ALA A 111 14.80 5.50 -21.25
N TYR A 112 14.11 6.38 -21.97
CA TYR A 112 14.41 7.80 -21.93
C TYR A 112 13.26 8.71 -22.31
N ASP A 113 13.06 9.72 -21.49
CA ASP A 113 12.08 10.75 -21.75
C ASP A 113 12.54 12.00 -21.01
N TYR A 114 12.80 13.05 -21.76
CA TYR A 114 13.29 14.32 -21.28
C TYR A 114 12.53 14.75 -20.01
N ASN A 115 11.23 14.49 -20.01
CA ASN A 115 10.30 14.88 -18.96
C ASN A 115 10.37 14.07 -17.66
N THR A 116 10.83 12.81 -17.70
CA THR A 116 10.84 11.95 -16.52
C THR A 116 12.23 11.40 -16.16
N ILE A 117 13.20 11.55 -17.09
CA ILE A 117 14.54 11.00 -16.94
C ILE A 117 15.22 11.39 -15.67
N GLN A 118 14.99 12.57 -15.11
CA GLN A 118 15.73 12.83 -13.88
C GLN A 118 15.43 11.77 -12.82
N MET A 119 14.19 11.26 -12.74
CA MET A 119 13.88 10.27 -11.74
C MET A 119 14.44 8.93 -12.13
N ASN A 120 14.38 8.60 -13.42
CA ASN A 120 14.88 7.30 -13.86
C ASN A 120 16.38 7.23 -13.70
N TYR A 121 17.04 8.37 -13.95
CA TYR A 121 18.48 8.54 -13.88
C TYR A 121 18.96 8.33 -12.45
N ASP A 122 18.35 9.07 -11.51
CA ASP A 122 18.70 8.94 -10.10
C ASP A 122 18.33 7.57 -9.55
N THR A 123 17.21 7.00 -10.00
CA THR A 123 16.80 5.67 -9.57
C THR A 123 17.82 4.66 -10.06
N THR A 124 18.23 4.74 -11.31
CA THR A 124 19.19 3.80 -11.82
C THR A 124 20.43 3.88 -10.95
N ALA A 125 20.93 5.09 -10.69
CA ALA A 125 22.12 5.20 -9.85
C ALA A 125 21.90 4.60 -8.46
N LEU A 126 20.73 4.83 -7.88
CA LEU A 126 20.35 4.29 -6.58
C LEU A 126 20.36 2.77 -6.53
N LEU A 127 20.14 2.13 -7.68
CA LEU A 127 20.08 0.69 -7.80
C LEU A 127 21.36 0.17 -8.46
N SER A 128 22.44 0.95 -8.45
CA SER A 128 23.71 0.57 -9.08
C SER A 128 24.95 0.74 -8.18
N ALA A 129 25.87 -0.21 -8.28
CA ALA A 129 27.17 -0.13 -7.63
C ALA A 129 27.90 1.03 -8.28
N PRO A 130 28.77 1.80 -7.60
CA PRO A 130 29.52 2.91 -8.18
C PRO A 130 30.13 2.61 -9.55
N ALA A 131 30.68 1.41 -9.76
CA ALA A 131 31.22 1.05 -11.06
C ALA A 131 30.16 1.13 -12.17
N VAL A 132 28.97 0.65 -11.83
CA VAL A 132 27.82 0.57 -12.71
C VAL A 132 27.26 1.97 -12.88
N GLN A 133 27.19 2.73 -11.78
CA GLN A 133 26.68 4.09 -11.83
C GLN A 133 27.48 4.91 -12.82
N GLN A 134 28.81 4.76 -12.79
CA GLN A 134 29.67 5.50 -13.69
C GLN A 134 29.43 5.10 -15.13
N ASP A 135 29.28 3.79 -15.40
CA ASP A 135 29.02 3.36 -16.76
C ASP A 135 27.75 4.04 -17.28
N TYR A 136 26.73 4.05 -16.43
CA TYR A 136 25.46 4.69 -16.74
C TYR A 136 25.58 6.19 -16.95
N TYR A 137 26.26 6.90 -16.04
CA TYR A 137 26.38 8.36 -16.10
C TYR A 137 27.02 8.77 -17.43
N LYS A 138 28.02 8.00 -17.86
CA LYS A 138 28.76 8.25 -19.09
C LYS A 138 27.90 8.23 -20.34
N LEU A 139 26.70 7.63 -20.28
CA LEU A 139 25.83 7.53 -21.44
C LEU A 139 25.19 8.89 -21.74
N PHE A 140 25.32 9.80 -20.79
CA PHE A 140 24.75 11.12 -20.91
C PHE A 140 25.88 12.13 -21.12
N ASP A 141 27.09 11.65 -21.40
CA ASP A 141 28.22 12.55 -21.59
C ASP A 141 28.65 12.66 -23.06
N GLY A 142 29.34 13.74 -23.37
CA GLY A 142 29.92 13.98 -24.69
C GLY A 142 28.89 14.37 -25.76
N SER A 143 29.36 14.52 -26.99
CA SER A 143 28.51 14.92 -28.11
C SER A 143 27.46 13.89 -28.51
N ASN A 144 27.67 12.65 -28.09
CA ASN A 144 26.77 11.54 -28.41
C ASN A 144 25.90 11.17 -27.20
N ALA A 145 25.85 12.08 -26.23
CA ALA A 145 25.06 11.92 -25.02
C ALA A 145 23.61 11.68 -25.32
N ARG A 146 22.96 10.83 -24.53
CA ARG A 146 21.53 10.58 -24.73
C ARG A 146 20.75 11.91 -24.65
N ASP A 147 21.21 12.80 -23.77
CA ASP A 147 20.67 14.14 -23.56
C ASP A 147 20.75 15.05 -24.80
N ARG A 148 21.65 14.73 -25.74
CA ARG A 148 21.83 15.53 -26.96
C ARG A 148 21.26 14.81 -28.19
N VAL A 149 21.37 13.48 -28.20
CA VAL A 149 20.90 12.64 -29.30
C VAL A 149 19.38 12.55 -29.30
N LEU A 150 18.81 12.25 -28.14
CA LEU A 150 17.38 12.16 -27.98
C LEU A 150 16.88 13.53 -27.54
N GLY A 151 17.54 14.09 -26.52
CA GLY A 151 17.17 15.43 -26.06
C GLY A 151 15.68 15.49 -25.83
N ASN A 152 15.04 16.48 -26.45
CA ASN A 152 13.59 16.63 -26.36
C ASN A 152 12.99 16.52 -27.76
N LYS A 153 13.66 15.74 -28.62
CA LYS A 153 13.24 15.51 -30.00
C LYS A 153 12.76 14.06 -30.18
N ALA A 154 13.36 13.14 -29.42
CA ALA A 154 13.02 11.73 -29.50
C ALA A 154 13.04 11.10 -28.11
N ARG A 155 12.28 10.02 -27.96
CA ARG A 155 12.14 9.30 -26.70
C ARG A 155 12.22 7.78 -26.86
N ILE A 156 12.66 7.11 -25.80
CA ILE A 156 12.75 5.65 -25.79
C ILE A 156 11.79 4.98 -24.81
N THR A 157 11.01 4.05 -25.34
CA THR A 157 10.07 3.26 -24.56
C THR A 157 10.61 1.86 -24.36
N VAL A 158 10.66 1.41 -23.10
CA VAL A 158 11.18 0.08 -22.76
C VAL A 158 10.18 -0.72 -21.95
N ARG A 159 10.05 -2.00 -22.31
CA ARG A 159 9.18 -2.95 -21.62
C ARG A 159 9.87 -4.29 -21.49
N VAL A 160 9.75 -4.91 -20.32
CA VAL A 160 10.33 -6.23 -20.07
C VAL A 160 9.31 -7.33 -20.28
N ARG A 161 9.71 -8.35 -21.05
CA ARG A 161 8.84 -9.47 -21.36
C ARG A 161 8.94 -10.59 -20.33
N SER A 162 10.17 -10.90 -19.92
CA SER A 162 10.41 -11.99 -18.98
C SER A 162 11.76 -11.94 -18.29
N ILE A 163 11.78 -12.25 -16.99
CA ILE A 163 13.04 -12.34 -16.25
C ILE A 163 13.15 -13.68 -15.55
N GLN A 164 14.29 -14.34 -15.77
CA GLN A 164 14.54 -15.61 -15.12
C GLN A 164 15.92 -15.64 -14.43
N PRO A 165 15.98 -15.67 -13.08
CA PRO A 165 17.19 -15.79 -12.28
C PRO A 165 17.93 -17.08 -12.63
N ASN A 166 19.26 -17.03 -12.63
CA ASN A 166 20.05 -18.19 -12.98
C ASN A 166 21.29 -18.29 -12.12
N GLY A 167 21.10 -18.60 -10.84
CA GLY A 167 22.22 -18.62 -9.90
C GLY A 167 22.04 -17.59 -8.81
N ARG A 168 23.13 -17.27 -8.12
CA ARG A 168 23.87 -16.61 -7.07
C ARG A 168 24.17 -15.16 -7.45
N GLY A 169 23.14 -14.30 -7.36
CA GLY A 169 23.30 -12.90 -7.75
C GLY A 169 23.29 -12.67 -9.26
N GLN A 170 22.61 -13.53 -10.03
CA GLN A 170 22.60 -13.34 -11.48
C GLN A 170 21.29 -13.72 -12.12
N ALA A 171 20.86 -12.88 -13.07
CA ALA A 171 19.61 -13.12 -13.80
C ALA A 171 19.63 -12.64 -15.24
N THR A 172 18.77 -13.26 -16.06
CA THR A 172 18.61 -12.87 -17.46
C THR A 172 17.29 -12.13 -17.71
N VAL A 173 17.40 -10.94 -18.31
CA VAL A 173 16.23 -10.12 -18.61
C VAL A 173 15.97 -10.00 -20.10
N ARG A 174 14.81 -10.46 -20.54
CA ARG A 174 14.44 -10.38 -21.96
C ARG A 174 13.47 -9.22 -22.12
N PHE A 175 13.83 -8.26 -22.98
CA PHE A 175 13.03 -7.05 -23.10
C PHE A 175 13.06 -6.45 -24.49
N THR A 176 12.19 -5.47 -24.73
CA THR A 176 12.19 -4.78 -26.00
C THR A 176 12.31 -3.27 -25.79
N THR A 177 12.64 -2.60 -26.88
CA THR A 177 12.78 -1.15 -26.89
C THR A 177 12.43 -0.52 -28.23
N GLN A 178 11.87 0.68 -28.17
CA GLN A 178 11.50 1.40 -29.39
C GLN A 178 11.65 2.92 -29.29
N GLN A 179 11.91 3.56 -30.42
CA GLN A 179 12.06 5.02 -30.45
C GLN A 179 10.90 5.76 -31.12
N HIS A 180 10.39 6.74 -30.39
CA HIS A 180 9.29 7.62 -30.79
C HIS A 180 9.80 9.03 -30.95
N ASN A 181 9.13 9.86 -31.76
CA ASN A 181 9.63 11.24 -31.83
C ASN A 181 8.59 12.35 -32.03
N SER A 182 9.09 13.58 -32.07
CA SER A 182 8.33 14.82 -32.19
C SER A 182 7.57 14.99 -33.50
N ASN A 183 7.87 14.17 -34.51
CA ASN A 183 7.18 14.27 -35.78
C ASN A 183 6.05 13.25 -35.82
N GLY A 184 5.85 12.56 -34.69
CA GLY A 184 4.82 11.57 -34.57
C GLY A 184 5.18 10.23 -35.19
N THR A 185 6.48 9.95 -35.44
CA THR A 185 6.78 8.68 -36.06
C THR A 185 7.31 7.73 -35.00
N VAL A 186 7.34 6.44 -35.35
CA VAL A 186 7.88 5.40 -34.48
C VAL A 186 8.80 4.48 -35.28
N GLU A 187 9.98 4.21 -34.74
CA GLU A 187 10.96 3.32 -35.34
C GLU A 187 10.60 1.88 -35.03
N ALA A 188 11.02 0.95 -35.88
CA ALA A 188 10.73 -0.45 -35.61
C ALA A 188 11.32 -0.84 -34.25
N PRO A 189 10.62 -1.62 -33.42
CA PRO A 189 11.07 -2.09 -32.13
C PRO A 189 12.23 -3.04 -32.28
N GLN A 190 13.11 -2.99 -31.31
CA GLN A 190 14.25 -3.87 -31.25
C GLN A 190 14.09 -4.81 -30.06
N HIS A 191 14.76 -5.95 -30.12
CA HIS A 191 14.74 -6.90 -29.03
C HIS A 191 16.15 -6.98 -28.45
N GLN A 192 16.24 -6.98 -27.12
CA GLN A 192 17.52 -7.01 -26.39
C GLN A 192 17.49 -7.94 -25.17
N ILE A 193 18.65 -8.44 -24.78
CA ILE A 193 18.72 -9.24 -23.56
C ILE A 193 19.80 -8.74 -22.62
N ALA A 194 19.41 -8.48 -21.37
CA ALA A 194 20.37 -7.98 -20.39
C ALA A 194 20.78 -9.10 -19.45
N THR A 195 22.04 -9.04 -19.05
CA THR A 195 22.55 -9.93 -18.03
C THR A 195 22.90 -9.07 -16.86
N ILE A 196 22.31 -9.39 -15.72
CA ILE A 196 22.54 -8.55 -14.57
C ILE A 196 23.15 -9.29 -13.41
N GLY A 197 24.27 -8.77 -12.94
CA GLY A 197 24.92 -9.30 -11.75
C GLY A 197 24.41 -8.40 -10.63
N TYR A 198 24.01 -8.97 -9.49
CA TYR A 198 23.48 -8.10 -8.45
C TYR A 198 23.55 -8.63 -7.03
N THR A 199 23.36 -7.71 -6.12
CA THR A 199 23.26 -7.98 -4.71
C THR A 199 22.30 -7.00 -4.08
N TYR A 200 22.27 -7.01 -2.75
CA TYR A 200 21.48 -6.07 -1.98
C TYR A 200 22.39 -5.52 -0.89
N ILE A 201 22.29 -4.22 -0.62
CA ILE A 201 23.12 -3.58 0.39
C ILE A 201 22.34 -3.20 1.64
N GLY A 202 21.11 -3.67 1.73
CA GLY A 202 20.25 -3.40 2.87
C GLY A 202 19.60 -2.05 2.75
N ALA A 203 18.76 -1.72 3.72
CA ALA A 203 18.06 -0.46 3.67
C ALA A 203 19.05 0.72 3.69
N PRO A 204 18.83 1.77 2.87
CA PRO A 204 19.60 3.02 2.80
C PRO A 204 19.22 3.90 3.97
N MET A 205 20.03 4.90 4.32
CA MET A 205 19.68 5.78 5.45
C MET A 205 19.52 7.26 5.07
N ARG A 206 18.65 7.50 4.10
CA ARG A 206 18.25 8.83 3.64
C ARG A 206 16.81 8.74 3.12
N SER A 207 15.97 9.73 3.42
CA SER A 207 14.58 9.64 2.95
C SER A 207 14.46 9.58 1.42
N SER A 208 15.37 10.26 0.74
CA SER A 208 15.39 10.30 -0.71
C SER A 208 15.80 9.00 -1.37
N ASP A 209 16.37 8.07 -0.59
CA ASP A 209 16.78 6.78 -1.09
C ASP A 209 15.81 5.69 -0.67
N ARG A 210 15.32 5.74 0.58
CA ARG A 210 14.46 4.67 1.08
C ARG A 210 13.11 4.68 0.41
N LEU A 211 12.68 5.85 -0.06
CA LEU A 211 11.39 5.91 -0.72
C LEU A 211 11.46 5.45 -2.19
N LEU A 212 12.68 5.10 -2.66
CA LEU A 212 12.91 4.61 -4.01
C LEU A 212 13.46 3.16 -4.06
N ASN A 213 14.34 2.79 -3.11
CA ASN A 213 15.01 1.48 -3.08
C ASN A 213 15.22 0.91 -1.66
N PRO A 214 14.15 0.70 -0.86
CA PRO A 214 14.18 0.29 0.56
C PRO A 214 14.86 -1.04 0.84
N LEU A 215 14.85 -1.88 -0.17
CA LEU A 215 15.42 -3.21 -0.17
C LEU A 215 16.92 -3.24 -0.30
N GLY A 216 17.47 -2.15 -0.88
CA GLY A 216 18.89 -2.04 -1.15
C GLY A 216 19.37 -2.70 -2.44
N PHE A 217 18.50 -2.87 -3.44
CA PHE A 217 18.94 -3.54 -4.67
C PHE A 217 20.11 -2.85 -5.29
N GLN A 218 21.10 -3.62 -5.71
CA GLN A 218 22.25 -3.02 -6.36
C GLN A 218 22.84 -3.87 -7.48
N VAL A 219 22.97 -3.27 -8.64
CA VAL A 219 23.61 -3.93 -9.77
C VAL A 219 25.11 -3.81 -9.63
N THR A 220 25.81 -4.93 -9.77
CA THR A 220 27.27 -4.92 -9.62
C THR A 220 27.95 -5.11 -10.97
N SER A 221 27.19 -5.60 -11.94
CA SER A 221 27.67 -5.84 -13.29
C SER A 221 26.49 -5.75 -14.25
N TYR A 222 26.69 -5.14 -15.41
CA TYR A 222 25.59 -5.03 -16.36
C TYR A 222 26.02 -5.01 -17.81
N ARG A 223 25.31 -5.77 -18.63
CA ARG A 223 25.49 -5.73 -20.07
C ARG A 223 24.18 -6.03 -20.76
N ALA A 224 23.97 -5.47 -21.95
CA ALA A 224 22.79 -5.81 -22.72
C ALA A 224 23.13 -5.81 -24.20
N ASP A 225 22.86 -6.95 -24.82
CA ASP A 225 23.17 -7.19 -26.22
C ASP A 225 21.88 -7.30 -27.04
N PRO A 226 21.90 -7.01 -28.36
CA PRO A 226 20.78 -7.25 -29.26
C PRO A 226 20.41 -8.71 -29.30
N GLU A 227 19.12 -8.99 -29.38
CA GLU A 227 18.63 -10.35 -29.51
C GLU A 227 18.56 -10.67 -30.99
N ILE A 228 19.04 -11.83 -31.40
CA ILE A 228 18.92 -12.16 -32.80
C ILE A 228 17.75 -13.10 -32.96
N LEU A 229 16.72 -12.63 -33.66
CA LEU A 229 15.48 -13.35 -33.78
C LEU A 229 15.53 -14.43 -34.84
N ASN A 230 16.34 -15.46 -34.59
CA ASN A 230 16.51 -16.56 -35.53
C ASN A 230 15.35 -17.54 -35.36
N ASN A 231 14.18 -17.08 -35.75
CA ASN A 231 12.93 -17.80 -35.60
C ASN A 231 12.45 -18.37 -36.95
N GLN B 63 17.68 12.20 23.80
CA GLN B 63 17.08 10.86 24.00
C GLN B 63 16.28 10.42 22.78
N PRO B 64 15.57 11.32 22.07
CA PRO B 64 14.73 10.93 20.93
C PRO B 64 15.46 10.06 19.91
N ALA B 65 14.85 8.95 19.50
CA ALA B 65 15.47 8.04 18.50
C ALA B 65 14.44 7.68 17.42
N PRO B 66 14.87 7.38 16.17
CA PRO B 66 13.91 7.12 15.09
C PRO B 66 14.01 5.69 14.56
N ALA B 67 12.87 5.00 14.42
CA ALA B 67 12.87 3.60 13.93
C ALA B 67 12.69 3.58 12.40
N PRO B 68 12.74 2.40 11.74
CA PRO B 68 12.64 2.35 10.28
C PRO B 68 11.29 1.86 9.74
N LEU B 69 10.82 2.43 8.62
CA LEU B 69 9.57 1.93 8.00
C LEU B 69 9.84 0.49 7.60
N VAL B 70 8.93 -0.43 7.90
CA VAL B 70 9.30 -1.83 7.56
C VAL B 70 9.00 -2.03 6.09
N LEU B 71 9.69 -2.96 5.44
CA LEU B 71 9.34 -3.22 4.05
C LEU B 71 8.41 -4.41 3.93
N ARG B 72 7.32 -4.20 3.30
CA ARG B 72 6.36 -5.25 2.99
C ARG B 72 6.62 -5.83 1.60
N VAL B 73 6.80 -7.22 1.62
CA VAL B 73 7.04 -7.88 0.34
C VAL B 73 5.81 -8.71 -0.06
N ASP B 74 5.24 -8.26 -1.16
CA ASP B 74 4.13 -9.02 -1.74
C ASP B 74 4.61 -10.37 -2.28
N ASN B 75 4.19 -11.54 -1.76
CA ASN B 75 4.60 -12.91 -2.05
C ASN B 75 4.19 -13.32 -3.46
N ALA B 76 3.21 -12.56 -4.03
CA ALA B 76 2.66 -12.86 -5.35
C ALA B 76 3.33 -12.02 -6.42
N THR B 77 3.82 -10.81 -6.12
CA THR B 77 4.33 -9.88 -7.12
C THR B 77 5.78 -9.50 -6.81
N GLY B 78 6.21 -9.91 -5.67
CA GLY B 78 7.56 -9.54 -5.28
C GLY B 78 7.71 -8.05 -5.06
N ALA B 79 6.67 -7.24 -5.15
CA ALA B 79 6.64 -5.79 -4.95
C ALA B 79 6.87 -5.44 -3.48
N VAL B 80 7.84 -4.57 -3.27
CA VAL B 80 8.24 -4.12 -1.95
C VAL B 80 7.59 -2.77 -1.64
N ASP B 81 6.75 -2.78 -0.60
CA ASP B 81 6.12 -1.55 -0.13
C ASP B 81 6.65 -1.14 1.23
N VAL B 82 6.97 0.19 1.38
CA VAL B 82 7.45 0.73 2.64
C VAL B 82 6.27 1.02 3.55
N VAL B 83 6.26 0.23 4.67
CA VAL B 83 5.26 0.51 5.69
C VAL B 83 5.74 1.64 6.59
N THR B 84 5.06 2.78 6.50
CA THR B 84 5.53 3.99 7.22
C THR B 84 5.56 3.76 8.72
N THR B 85 6.59 4.28 9.39
CA THR B 85 6.64 4.17 10.87
C THR B 85 6.02 5.42 11.49
N LEU B 86 4.82 5.30 12.05
CA LEU B 86 4.15 6.45 12.72
C LEU B 86 4.27 7.70 11.84
N ARG B 87 4.20 7.54 10.52
CA ARG B 87 4.38 8.71 9.61
C ARG B 87 3.17 8.89 8.70
N GLU B 88 2.45 10.00 8.84
CA GLU B 88 1.32 10.33 7.92
C GLU B 88 1.56 11.75 7.42
N HIS B 89 2.81 12.22 7.47
CA HIS B 89 3.11 13.65 7.15
C HIS B 89 2.78 14.04 5.71
N GLU B 90 2.20 15.22 5.52
CA GLU B 90 1.97 15.75 4.15
C GLU B 90 3.00 16.87 3.98
N SER B 91 3.78 16.84 2.90
CA SER B 91 4.91 17.80 2.77
C SER B 91 4.49 19.23 2.42
N SER B 92 3.50 19.41 1.53
CA SER B 92 3.22 20.79 1.03
C SER B 92 1.95 20.86 0.17
N TYR B 93 1.45 22.07 -0.09
CA TYR B 93 0.25 22.25 -0.95
C TYR B 93 0.50 21.56 -2.30
N GLY B 94 -0.34 20.59 -2.64
CA GLY B 94 -0.18 19.83 -3.89
C GLY B 94 0.68 18.60 -3.70
N GLU B 95 1.30 18.43 -2.53
CA GLU B 95 2.04 17.17 -2.26
C GLU B 95 1.03 16.03 -2.19
N VAL B 96 -0.10 16.26 -1.50
CA VAL B 96 -1.19 15.23 -1.43
C VAL B 96 -2.29 15.63 -2.40
N VAL B 97 -2.40 16.93 -2.71
CA VAL B 97 -3.41 17.40 -3.72
C VAL B 97 -2.99 16.83 -5.07
N ASP B 98 -1.69 16.84 -5.36
CA ASP B 98 -1.19 16.25 -6.59
C ASP B 98 -1.55 14.78 -6.70
N THR B 99 -1.49 14.03 -5.58
CA THR B 99 -1.78 12.61 -5.64
C THR B 99 -3.24 12.39 -6.01
N TYR B 100 -4.14 13.26 -5.53
CA TYR B 100 -5.52 13.17 -5.97
C TYR B 100 -5.66 13.27 -7.47
N TRP B 101 -5.06 14.31 -8.05
CA TRP B 101 -5.21 14.48 -9.49
C TRP B 101 -4.61 13.35 -10.29
N LEU B 102 -3.46 12.86 -9.84
CA LEU B 102 -2.76 11.77 -10.49
C LEU B 102 -3.62 10.51 -10.44
N ASN B 103 -4.27 10.26 -9.29
CA ASN B 103 -5.20 9.14 -9.13
C ASN B 103 -6.38 9.26 -10.05
N GLN B 104 -7.05 10.40 -10.03
CA GLN B 104 -8.25 10.54 -10.83
C GLN B 104 -7.89 10.44 -12.31
N TYR B 105 -6.72 10.99 -12.70
CA TYR B 105 -6.29 10.92 -14.08
C TYR B 105 -6.10 9.48 -14.53
N VAL B 106 -5.32 8.71 -13.77
CA VAL B 106 -5.04 7.33 -14.15
C VAL B 106 -6.28 6.48 -14.14
N LEU B 107 -7.09 6.60 -13.11
CA LEU B 107 -8.27 5.79 -13.04
C LEU B 107 -9.16 6.05 -14.24
N ASN B 108 -9.47 7.31 -14.51
CA ASN B 108 -10.38 7.61 -15.61
C ASN B 108 -9.77 7.30 -16.97
N ARG B 109 -8.47 7.55 -17.14
CA ARG B 109 -7.78 7.28 -18.40
C ARG B 109 -7.75 5.81 -18.75
N GLU B 110 -7.33 4.98 -17.78
CA GLU B 110 -7.13 3.55 -17.98
C GLU B 110 -8.44 2.74 -17.95
N ALA B 111 -9.44 3.19 -17.17
CA ALA B 111 -10.72 2.50 -17.00
C ALA B 111 -11.62 2.65 -18.23
N TYR B 112 -12.64 1.79 -18.32
CA TYR B 112 -13.60 1.85 -19.41
C TYR B 112 -14.94 1.23 -19.09
N ASP B 113 -15.99 1.97 -19.40
CA ASP B 113 -17.36 1.50 -19.29
C ASP B 113 -18.18 2.29 -20.28
N TYR B 114 -18.77 1.59 -21.22
CA TYR B 114 -19.58 2.15 -22.29
C TYR B 114 -20.54 3.22 -21.76
N ASN B 115 -21.08 2.96 -20.58
CA ASN B 115 -22.08 3.78 -19.91
C ASN B 115 -21.56 5.09 -19.28
N THR B 116 -20.27 5.16 -18.91
CA THR B 116 -19.75 6.35 -18.22
C THR B 116 -18.55 6.98 -18.93
N ILE B 117 -17.98 6.28 -19.92
CA ILE B 117 -16.78 6.69 -20.64
C ILE B 117 -16.87 8.08 -21.21
N GLN B 118 -18.02 8.56 -21.64
CA GLN B 118 -17.99 9.91 -22.18
C GLN B 118 -17.45 10.92 -21.16
N MET B 119 -17.77 10.73 -19.87
CA MET B 119 -17.29 11.68 -18.88
C MET B 119 -15.83 11.43 -18.58
N ASN B 120 -15.43 10.17 -18.54
CA ASN B 120 -14.04 9.86 -18.22
C ASN B 120 -13.13 10.32 -19.35
N TYR B 121 -13.62 10.19 -20.58
CA TYR B 121 -12.94 10.55 -21.81
C TYR B 121 -12.69 12.06 -21.85
N ASP B 122 -13.76 12.84 -21.65
CA ASP B 122 -13.65 14.29 -21.64
C ASP B 122 -12.83 14.78 -20.45
N THR B 123 -12.97 14.11 -19.29
CA THR B 123 -12.20 14.48 -18.12
C THR B 123 -10.72 14.24 -18.39
N THR B 124 -10.39 13.09 -18.96
CA THR B 124 -9.00 12.80 -19.23
C THR B 124 -8.46 13.90 -20.13
N ALA B 125 -9.18 14.25 -21.19
CA ALA B 125 -8.71 15.30 -22.08
C ALA B 125 -8.54 16.64 -21.32
N LEU B 126 -9.48 16.95 -20.45
CA LEU B 126 -9.44 18.16 -19.63
C LEU B 126 -8.22 18.24 -18.72
N LEU B 127 -7.67 17.09 -18.35
CA LEU B 127 -6.54 16.98 -17.46
C LEU B 127 -5.28 16.60 -18.25
N SER B 128 -5.29 16.82 -19.58
CA SER B 128 -4.16 16.47 -20.45
C SER B 128 -3.70 17.60 -21.40
N ALA B 129 -2.38 17.71 -21.56
CA ALA B 129 -1.78 18.61 -22.54
C ALA B 129 -2.21 18.10 -23.91
N PRO B 130 -2.41 18.94 -24.94
CA PRO B 130 -2.80 18.50 -26.29
C PRO B 130 -2.02 17.28 -26.80
N ALA B 131 -0.70 17.23 -26.54
CA ALA B 131 0.08 16.05 -26.97
C ALA B 131 -0.46 14.76 -26.36
N VAL B 132 -0.80 14.86 -25.07
CA VAL B 132 -1.28 13.77 -24.25
C VAL B 132 -2.71 13.45 -24.67
N GLN B 133 -3.51 14.50 -24.91
CA GLN B 133 -4.89 14.32 -25.30
C GLN B 133 -4.95 13.50 -26.58
N GLN B 134 -4.07 13.81 -27.54
CA GLN B 134 -4.03 13.10 -28.80
C GLN B 134 -3.66 11.64 -28.60
N ASP B 135 -2.66 11.37 -27.74
CA ASP B 135 -2.27 9.99 -27.48
C ASP B 135 -3.48 9.21 -26.97
N TYR B 136 -4.21 9.83 -26.03
CA TYR B 136 -5.40 9.26 -25.46
C TYR B 136 -6.52 9.04 -26.49
N TYR B 137 -6.82 10.07 -27.30
CA TYR B 137 -7.91 10.00 -28.28
C TYR B 137 -7.69 8.83 -29.23
N LYS B 138 -6.44 8.63 -29.63
CA LYS B 138 -6.03 7.57 -30.55
C LYS B 138 -6.35 6.16 -30.05
N LEU B 139 -6.56 5.99 -28.74
CA LEU B 139 -6.83 4.67 -28.17
C LEU B 139 -8.24 4.22 -28.52
N PHE B 140 -9.05 5.16 -29.01
CA PHE B 140 -10.41 4.91 -29.37
C PHE B 140 -10.55 4.91 -30.89
N ASP B 141 -9.42 4.91 -31.60
CA ASP B 141 -9.46 4.91 -33.06
C ASP B 141 -9.10 3.57 -33.70
N GLY B 142 -9.53 3.39 -34.93
CA GLY B 142 -9.21 2.21 -35.73
C GLY B 142 -9.96 0.96 -35.32
N SER B 143 -9.65 -0.16 -35.95
CA SER B 143 -10.31 -1.44 -35.71
C SER B 143 -10.05 -2.02 -34.32
N ASN B 144 -8.97 -1.55 -33.68
CA ASN B 144 -8.56 -2.02 -32.36
C ASN B 144 -8.93 -1.02 -31.28
N ALA B 145 -9.83 -0.09 -31.62
CA ALA B 145 -10.32 0.93 -30.72
C ALA B 145 -10.92 0.34 -29.48
N ARG B 146 -10.72 1.00 -28.34
CA ARG B 146 -11.33 0.52 -27.09
C ARG B 146 -12.86 0.41 -27.26
N ASP B 147 -13.43 1.35 -28.03
CA ASP B 147 -14.84 1.42 -28.35
C ASP B 147 -15.36 0.20 -29.16
N ARG B 148 -14.45 -0.52 -29.82
CA ARG B 148 -14.82 -1.69 -30.62
C ARG B 148 -14.41 -3.00 -29.93
N VAL B 149 -13.28 -2.96 -29.22
CA VAL B 149 -12.72 -4.12 -28.52
C VAL B 149 -13.52 -4.43 -27.27
N LEU B 150 -13.78 -3.40 -26.48
CA LEU B 150 -14.56 -3.55 -25.27
C LEU B 150 -16.01 -3.24 -25.61
N GLY B 151 -16.22 -2.11 -26.32
CA GLY B 151 -17.57 -1.76 -26.76
C GLY B 151 -18.51 -1.85 -25.58
N ASN B 152 -19.59 -2.61 -25.75
CA ASN B 152 -20.56 -2.81 -24.69
C ASN B 152 -20.63 -4.31 -24.35
N LYS B 153 -19.50 -5.00 -24.56
CA LYS B 153 -19.37 -6.43 -24.29
C LYS B 153 -18.46 -6.67 -23.09
N ALA B 154 -17.48 -5.79 -22.90
CA ALA B 154 -16.53 -5.91 -21.81
C ALA B 154 -16.20 -4.54 -21.23
N ARG B 155 -15.80 -4.52 -19.97
CA ARG B 155 -15.47 -3.31 -19.24
C ARG B 155 -14.18 -3.41 -18.42
N ILE B 156 -13.54 -2.27 -18.20
CA ILE B 156 -12.31 -2.22 -17.41
C ILE B 156 -12.46 -1.44 -16.09
N THR B 157 -12.09 -2.11 -15.01
CA THR B 157 -12.11 -1.53 -13.67
C THR B 157 -10.69 -1.20 -13.23
N VAL B 158 -10.48 0.05 -12.81
CA VAL B 158 -9.16 0.52 -12.38
C VAL B 158 -9.21 1.12 -10.99
N ARG B 159 -8.21 0.77 -10.19
CA ARG B 159 -8.05 1.28 -8.83
C ARG B 159 -6.57 1.58 -8.55
N VAL B 160 -6.31 2.71 -7.90
CA VAL B 160 -4.95 3.10 -7.55
C VAL B 160 -4.62 2.71 -6.12
N ARG B 161 -3.47 2.05 -5.94
CA ARG B 161 -3.03 1.59 -4.63
C ARG B 161 -2.21 2.64 -3.89
N SER B 162 -1.31 3.30 -4.62
CA SER B 162 -0.42 4.29 -4.00
C SER B 162 0.24 5.25 -5.00
N ILE B 163 0.30 6.52 -4.63
CA ILE B 163 1.01 7.50 -5.45
C ILE B 163 2.05 8.24 -4.65
N GLN B 164 3.28 8.27 -5.17
CA GLN B 164 4.36 9.00 -4.52
C GLN B 164 5.09 9.94 -5.48
N PRO B 165 4.96 11.28 -5.31
CA PRO B 165 5.64 12.31 -6.07
C PRO B 165 7.15 12.14 -5.94
N ASN B 166 7.87 12.42 -7.01
CA ASN B 166 9.33 12.25 -7.00
C ASN B 166 10.00 13.36 -7.80
N GLY B 167 9.98 14.57 -7.25
CA GLY B 167 10.52 15.72 -7.97
C GLY B 167 9.42 16.73 -8.30
N ARG B 168 9.71 17.63 -9.24
CA ARG B 168 9.46 18.80 -10.05
C ARG B 168 8.52 18.46 -11.20
N GLY B 169 7.22 18.32 -10.90
CA GLY B 169 6.24 17.93 -11.91
C GLY B 169 6.26 16.45 -12.26
N GLN B 170 6.66 15.57 -11.34
CA GLN B 170 6.71 14.16 -11.67
C GLN B 170 6.33 13.26 -10.51
N ALA B 171 5.54 12.23 -10.82
CA ALA B 171 5.12 11.26 -9.79
C ALA B 171 4.93 9.85 -10.32
N THR B 172 5.04 8.89 -9.39
CA THR B 172 4.84 7.47 -9.72
C THR B 172 3.51 6.94 -9.17
N VAL B 173 2.70 6.35 -10.04
CA VAL B 173 1.40 5.82 -9.66
C VAL B 173 1.36 4.29 -9.75
N ARG B 174 1.11 3.63 -8.63
CA ARG B 174 1.03 2.18 -8.61
C ARG B 174 -0.44 1.80 -8.55
N PHE B 175 -0.88 1.02 -9.54
CA PHE B 175 -2.31 0.70 -9.64
C PHE B 175 -2.59 -0.66 -10.26
N THR B 176 -3.84 -1.09 -10.18
CA THR B 176 -4.23 -2.35 -10.79
C THR B 176 -5.39 -2.15 -11.74
N THR B 177 -5.59 -3.16 -12.58
CA THR B 177 -6.67 -3.16 -13.55
C THR B 177 -7.21 -4.56 -13.86
N GLN B 178 -8.50 -4.64 -14.11
CA GLN B 178 -9.12 -5.92 -14.44
C GLN B 178 -10.27 -5.82 -15.44
N GLN B 179 -10.48 -6.89 -16.22
CA GLN B 179 -11.56 -6.91 -17.19
C GLN B 179 -12.74 -7.82 -16.82
N HIS B 180 -13.92 -7.23 -16.90
CA HIS B 180 -15.21 -7.86 -16.61
C HIS B 180 -16.03 -7.95 -17.88
N ASN B 181 -16.97 -8.88 -17.97
CA ASN B 181 -17.79 -8.88 -19.20
C ASN B 181 -19.25 -9.32 -19.05
N SER B 182 -19.95 -9.27 -20.20
CA SER B 182 -21.36 -9.57 -20.35
C SER B 182 -21.76 -11.01 -20.05
N ASN B 183 -20.79 -11.91 -19.96
CA ASN B 183 -21.09 -13.30 -19.68
C ASN B 183 -20.92 -13.55 -18.19
N GLY B 184 -20.64 -12.48 -17.44
CA GLY B 184 -20.46 -12.56 -16.02
C GLY B 184 -19.08 -13.06 -15.60
N THR B 185 -18.08 -13.03 -16.49
CA THR B 185 -16.79 -13.55 -16.08
C THR B 185 -15.87 -12.39 -15.76
N VAL B 186 -14.77 -12.71 -15.08
CA VAL B 186 -13.74 -11.73 -14.74
C VAL B 186 -12.35 -12.30 -15.05
N GLU B 187 -11.53 -11.52 -15.74
CA GLU B 187 -10.16 -11.89 -16.08
C GLU B 187 -9.27 -11.64 -14.88
N ALA B 188 -8.15 -12.36 -14.79
CA ALA B 188 -7.23 -12.13 -13.69
C ALA B 188 -6.76 -10.68 -13.72
N PRO B 189 -6.65 -9.99 -12.56
CA PRO B 189 -6.20 -8.62 -12.45
C PRO B 189 -4.75 -8.51 -12.81
N GLN B 190 -4.40 -7.39 -13.39
CA GLN B 190 -3.04 -7.08 -13.75
C GLN B 190 -2.54 -5.93 -12.89
N HIS B 191 -1.23 -5.84 -12.75
CA HIS B 191 -0.62 -4.75 -12.00
C HIS B 191 0.18 -3.90 -12.97
N GLN B 192 0.05 -2.57 -12.85
CA GLN B 192 0.71 -1.60 -13.72
C GLN B 192 1.27 -0.39 -12.95
N ILE B 193 2.30 0.25 -13.52
CA ILE B 193 2.81 1.45 -12.91
C ILE B 193 2.91 2.60 -13.92
N ALA B 194 2.30 3.73 -13.57
CA ALA B 194 2.32 4.88 -14.47
C ALA B 194 3.33 5.91 -13.99
N THR B 195 3.96 6.55 -14.95
CA THR B 195 4.84 7.66 -14.67
C THR B 195 4.18 8.87 -15.27
N ILE B 196 3.94 9.87 -14.44
CA ILE B 196 3.24 11.03 -14.94
C ILE B 196 4.04 12.31 -14.80
N GLY B 197 4.20 12.99 -15.93
CA GLY B 197 4.83 14.30 -15.95
C GLY B 197 3.66 15.27 -15.90
N TYR B 198 3.74 16.31 -15.09
CA TYR B 198 2.59 17.21 -15.01
C TYR B 198 2.87 18.62 -14.54
N THR B 199 1.88 19.46 -14.79
CA THR B 199 1.86 20.81 -14.33
C THR B 199 0.42 21.22 -14.07
N TYR B 200 0.23 22.50 -13.82
CA TYR B 200 -1.08 23.08 -13.65
C TYR B 200 -1.15 24.33 -14.52
N ILE B 201 -2.29 24.54 -15.17
CA ILE B 201 -2.46 25.70 -16.05
C ILE B 201 -3.39 26.76 -15.48
N GLY B 202 -3.74 26.59 -14.22
CA GLY B 202 -4.60 27.52 -13.52
C GLY B 202 -6.05 27.25 -13.84
N ALA B 203 -6.94 28.02 -13.22
CA ALA B 203 -8.36 27.80 -13.43
C ALA B 203 -8.73 28.00 -14.91
N PRO B 204 -9.60 27.14 -15.49
CA PRO B 204 -10.13 27.20 -16.84
C PRO B 204 -11.23 28.26 -16.88
N MET B 205 -11.60 28.75 -18.06
CA MET B 205 -12.67 29.76 -18.15
C MET B 205 -13.89 29.34 -18.95
N ARG B 206 -14.45 28.19 -18.56
CA ARG B 206 -15.70 27.63 -19.11
C ARG B 206 -16.39 26.85 -18.00
N SER B 207 -17.71 26.94 -17.87
CA SER B 207 -18.38 26.20 -16.80
C SER B 207 -18.19 24.68 -16.90
N SER B 208 -18.11 24.19 -18.13
CA SER B 208 -17.94 22.77 -18.41
C SER B 208 -16.56 22.23 -18.04
N ASP B 209 -15.60 23.14 -17.83
CA ASP B 209 -14.25 22.75 -17.44
C ASP B 209 -14.00 22.98 -15.96
N ARG B 210 -14.50 24.10 -15.42
CA ARG B 210 -14.21 24.44 -14.03
C ARG B 210 -14.90 23.50 -13.08
N LEU B 211 -16.03 22.93 -13.50
CA LEU B 211 -16.74 22.02 -12.62
C LEU B 211 -16.12 20.61 -12.63
N LEU B 212 -15.06 20.41 -13.46
CA LEU B 212 -14.35 19.13 -13.56
C LEU B 212 -12.85 19.23 -13.14
N ASN B 213 -12.18 20.36 -13.47
CA ASN B 213 -10.75 20.55 -13.21
C ASN B 213 -10.37 21.99 -12.81
N PRO B 214 -10.92 22.55 -11.73
CA PRO B 214 -10.78 23.95 -11.28
C PRO B 214 -9.35 24.39 -10.99
N LEU B 215 -8.54 23.41 -10.63
CA LEU B 215 -7.14 23.56 -10.29
C LEU B 215 -6.24 23.74 -11.49
N GLY B 216 -6.70 23.27 -12.65
CA GLY B 216 -5.93 23.29 -13.88
C GLY B 216 -4.96 22.14 -14.05
N PHE B 217 -5.19 20.99 -13.43
CA PHE B 217 -4.23 19.89 -13.56
C PHE B 217 -4.02 19.50 -15.00
N GLN B 218 -2.77 19.30 -15.39
CA GLN B 218 -2.50 18.90 -16.75
C GLN B 218 -1.32 17.95 -16.88
N VAL B 219 -1.56 16.82 -17.52
CA VAL B 219 -0.51 15.86 -17.79
C VAL B 219 0.25 16.29 -19.04
N THR B 220 1.56 16.33 -18.95
CA THR B 220 2.38 16.77 -20.08
C THR B 220 3.12 15.60 -20.71
N SER B 221 3.20 14.50 -19.97
CA SER B 221 3.86 13.28 -20.41
C SER B 221 3.24 12.10 -19.67
N TYR B 222 3.02 10.99 -20.38
CA TYR B 222 2.43 9.84 -19.72
C TYR B 222 2.85 8.51 -20.30
N ARG B 223 3.25 7.59 -19.41
CA ARG B 223 3.71 6.25 -19.86
C ARG B 223 3.43 5.23 -18.75
N ALA B 224 2.50 4.29 -18.98
CA ALA B 224 2.20 3.24 -17.98
C ALA B 224 2.70 1.89 -18.51
N ASP B 225 3.50 1.18 -17.72
CA ASP B 225 4.07 -0.11 -18.19
C ASP B 225 3.55 -1.26 -17.33
N PRO B 226 2.95 -2.31 -17.93
CA PRO B 226 2.52 -3.48 -17.15
C PRO B 226 3.72 -4.37 -16.81
N GLU B 227 3.60 -5.22 -15.78
CA GLU B 227 4.69 -6.16 -15.42
C GLU B 227 4.91 -7.16 -16.57
N ILE B 228 6.04 -7.87 -16.60
CA ILE B 228 6.34 -8.76 -17.76
C ILE B 228 5.82 -10.15 -17.43
N LEU B 229 5.27 -10.86 -18.41
CA LEU B 229 4.67 -12.19 -18.11
C LEU B 229 3.55 -11.98 -17.09
N ASN B 230 3.60 -12.68 -15.95
CA ASN B 230 2.56 -12.54 -14.90
C ASN B 230 2.55 -11.10 -14.39
N ASN B 231 3.73 -10.50 -14.19
CA ASN B 231 3.81 -9.08 -13.75
C ASN B 231 4.77 -8.96 -12.56
N GLN C 63 20.18 3.17 31.21
CA GLN C 63 19.50 2.84 29.92
C GLN C 63 18.00 3.07 30.05
N PRO C 64 17.39 3.91 29.19
CA PRO C 64 15.92 4.07 29.23
C PRO C 64 15.32 2.76 28.71
N ALA C 65 14.17 2.35 29.25
CA ALA C 65 13.59 1.05 28.84
C ALA C 65 13.28 1.09 27.35
N PRO C 66 13.68 0.06 26.57
CA PRO C 66 13.36 0.02 25.14
C PRO C 66 11.88 0.38 24.97
N ALA C 67 11.58 1.38 24.12
CA ALA C 67 10.19 1.81 23.93
C ALA C 67 9.39 0.61 23.42
N PRO C 68 8.15 0.37 23.89
CA PRO C 68 7.45 -0.84 23.45
C PRO C 68 7.30 -0.81 21.94
N LEU C 69 7.63 -1.92 21.27
CA LEU C 69 7.55 -1.97 19.79
C LEU C 69 6.46 -2.97 19.42
N VAL C 70 5.49 -2.55 18.60
CA VAL C 70 4.36 -3.44 18.22
C VAL C 70 3.89 -3.04 16.82
N LEU C 71 3.52 -4.03 16.00
CA LEU C 71 3.01 -3.75 14.62
C LEU C 71 1.84 -4.69 14.30
N ARG C 72 0.93 -4.26 13.42
CA ARG C 72 -0.23 -5.11 13.01
C ARG C 72 -0.16 -5.36 11.50
N VAL C 73 -0.32 -6.61 11.07
CA VAL C 73 -0.20 -6.94 9.61
C VAL C 73 -1.55 -7.44 9.08
N ASP C 74 -2.14 -6.75 8.10
CA ASP C 74 -3.39 -7.18 7.50
C ASP C 74 -3.15 -8.33 6.52
N ASN C 75 -3.63 -9.56 6.85
CA ASN C 75 -3.41 -10.80 6.12
C ASN C 75 -4.10 -10.78 4.77
N ALA C 76 -5.04 -9.84 4.55
CA ALA C 76 -5.84 -9.72 3.33
C ALA C 76 -5.25 -8.68 2.39
N THR C 77 -4.63 -7.64 2.88
CA THR C 77 -4.12 -6.55 2.08
C THR C 77 -2.60 -6.45 2.20
N GLY C 78 -2.06 -7.31 3.11
CA GLY C 78 -0.62 -7.24 3.29
C GLY C 78 -0.15 -5.89 3.82
N ALA C 79 -1.13 -5.03 4.22
CA ALA C 79 -0.88 -3.72 4.81
C ALA C 79 -0.30 -3.84 6.22
N VAL C 80 0.90 -3.25 6.39
CA VAL C 80 1.59 -3.29 7.67
C VAL C 80 1.50 -1.92 8.34
N ASP C 81 1.09 -1.89 9.62
CA ASP C 81 0.88 -0.58 10.29
C ASP C 81 1.48 -0.59 11.70
N VAL C 82 2.24 0.45 12.05
CA VAL C 82 2.85 0.55 13.41
C VAL C 82 1.75 0.85 14.44
N VAL C 83 1.85 0.27 15.64
CA VAL C 83 0.86 0.53 16.73
C VAL C 83 0.93 2.00 17.16
N THR C 84 2.12 2.60 17.14
CA THR C 84 2.31 3.99 17.63
C THR C 84 1.47 4.98 16.80
N THR C 85 1.03 6.08 17.43
CA THR C 85 0.16 7.08 16.74
C THR C 85 0.90 7.67 15.54
N LEU C 86 0.17 7.96 14.45
CA LEU C 86 0.82 8.44 13.20
C LEU C 86 1.24 9.91 13.27
N ARG C 87 1.71 10.46 12.15
CA ARG C 87 2.19 11.87 12.07
C ARG C 87 1.14 12.85 11.51
N GLU C 88 1.16 14.12 11.97
CA GLU C 88 0.20 15.16 11.48
C GLU C 88 0.65 15.72 10.12
N HIS C 89 -0.25 16.38 9.36
CA HIS C 89 0.07 16.85 7.98
C HIS C 89 0.07 18.38 7.84
N GLU C 90 0.00 18.91 6.61
CA GLU C 90 0.06 20.38 6.38
C GLU C 90 -1.33 20.98 6.61
N SER C 91 -1.42 22.30 6.77
CA SER C 91 -2.72 22.94 7.07
C SER C 91 -2.78 24.38 6.54
N SER C 92 -3.67 24.65 5.59
CA SER C 92 -3.87 26.03 5.05
C SER C 92 -5.34 26.14 4.64
N TYR C 93 -5.94 27.34 4.70
CA TYR C 93 -7.38 27.48 4.41
C TYR C 93 -7.61 28.00 3.00
N GLY C 94 -8.36 27.26 2.17
CA GLY C 94 -8.70 27.74 0.82
C GLY C 94 -10.20 27.99 0.71
N GLU C 95 -10.61 29.19 0.32
CA GLU C 95 -12.06 29.53 0.29
C GLU C 95 -12.81 28.65 -0.71
N VAL C 96 -12.25 28.46 -1.91
CA VAL C 96 -12.95 27.66 -2.96
C VAL C 96 -12.57 26.17 -2.84
N VAL C 97 -12.85 25.55 -1.70
CA VAL C 97 -12.60 24.08 -1.57
C VAL C 97 -13.92 23.37 -1.25
N ASP C 98 -14.79 24.03 -0.48
CA ASP C 98 -16.08 23.42 -0.06
C ASP C 98 -16.98 23.16 -1.27
N THR C 99 -17.05 24.10 -2.21
CA THR C 99 -17.97 23.95 -3.36
C THR C 99 -17.61 22.73 -4.21
N TYR C 100 -16.30 22.55 -4.49
CA TYR C 100 -15.88 21.43 -5.37
C TYR C 100 -16.22 20.09 -4.70
N TRP C 101 -15.93 19.98 -3.40
CA TRP C 101 -16.22 18.73 -2.65
C TRP C 101 -17.74 18.49 -2.62
N LEU C 102 -18.52 19.55 -2.40
CA LEU C 102 -20.00 19.41 -2.30
C LEU C 102 -20.56 18.92 -3.64
N ASN C 103 -20.06 19.47 -4.76
CA ASN C 103 -20.59 19.08 -6.09
C ASN C 103 -20.30 17.60 -6.35
N GLN C 104 -19.07 17.17 -6.04
CA GLN C 104 -18.69 15.74 -6.26
C GLN C 104 -19.53 14.85 -5.35
N TYR C 105 -19.73 15.27 -4.10
CA TYR C 105 -20.51 14.46 -3.12
C TYR C 105 -21.95 14.34 -3.60
N VAL C 106 -22.52 15.44 -4.11
CA VAL C 106 -23.95 15.44 -4.53
C VAL C 106 -24.13 14.45 -5.69
N LEU C 107 -23.21 14.47 -6.67
CA LEU C 107 -23.33 13.57 -7.85
C LEU C 107 -23.25 12.10 -7.39
N ASN C 108 -22.30 11.79 -6.51
CA ASN C 108 -22.15 10.41 -5.98
C ASN C 108 -23.37 10.05 -5.13
N ARG C 109 -23.89 10.99 -4.34
CA ARG C 109 -25.01 10.70 -3.40
C ARG C 109 -26.28 10.32 -4.16
N GLU C 110 -26.84 11.25 -4.95
CA GLU C 110 -28.12 10.96 -5.59
C GLU C 110 -28.06 9.80 -6.59
N ALA C 111 -26.91 9.58 -7.24
CA ALA C 111 -26.72 8.55 -8.25
C ALA C 111 -26.61 7.15 -7.64
N TYR C 112 -26.80 6.13 -8.47
CA TYR C 112 -26.67 4.74 -8.03
C TYR C 112 -26.34 3.76 -9.13
N ASP C 113 -25.35 2.93 -8.85
CA ASP C 113 -24.97 1.83 -9.73
C ASP C 113 -24.32 0.78 -8.87
N TYR C 114 -24.92 -0.39 -8.83
CA TYR C 114 -24.48 -1.54 -8.05
C TYR C 114 -22.96 -1.73 -8.15
N ASN C 115 -22.44 -1.50 -9.35
CA ASN C 115 -21.05 -1.69 -9.70
C ASN C 115 -20.06 -0.64 -9.16
N THR C 116 -20.52 0.61 -8.90
CA THR C 116 -19.62 1.68 -8.48
C THR C 116 -20.00 2.32 -7.14
N ILE C 117 -21.22 2.02 -6.65
CA ILE C 117 -21.78 2.61 -5.45
C ILE C 117 -20.88 2.51 -4.24
N GLN C 118 -20.09 1.46 -4.09
CA GLN C 118 -19.28 1.46 -2.89
C GLN C 118 -18.40 2.70 -2.81
N MET C 119 -17.87 3.18 -3.95
CA MET C 119 -17.01 4.35 -3.90
C MET C 119 -17.83 5.60 -3.71
N ASN C 120 -19.00 5.66 -4.35
CA ASN C 120 -19.83 6.86 -4.23
C ASN C 120 -20.37 6.99 -2.81
N TYR C 121 -20.68 5.85 -2.21
CA TYR C 121 -21.22 5.72 -0.86
C TYR C 121 -20.20 6.22 0.16
N ASP C 122 -18.98 5.68 0.09
CA ASP C 122 -17.91 6.10 0.98
C ASP C 122 -17.50 7.54 0.74
N THR C 123 -17.50 7.98 -0.52
CA THR C 123 -17.16 9.35 -0.86
C THR C 123 -18.21 10.29 -0.25
N THR C 124 -19.49 9.95 -0.41
CA THR C 124 -20.52 10.80 0.13
C THR C 124 -20.27 10.92 1.63
N ALA C 125 -20.05 9.80 2.32
CA ALA C 125 -19.83 9.88 3.75
C ALA C 125 -18.60 10.75 4.08
N LEU C 126 -17.54 10.61 3.30
CA LEU C 126 -16.32 11.39 3.46
C LEU C 126 -16.53 12.89 3.32
N LEU C 127 -17.55 13.29 2.57
CA LEU C 127 -17.88 14.66 2.31
C LEU C 127 -19.11 15.09 3.12
N SER C 128 -19.45 14.34 4.19
CA SER C 128 -20.63 14.62 5.01
C SER C 128 -20.35 14.66 6.53
N ALA C 129 -21.00 15.60 7.21
CA ALA C 129 -20.99 15.68 8.67
C ALA C 129 -21.68 14.42 9.17
N PRO C 130 -21.34 13.83 10.33
CA PRO C 130 -21.99 12.64 10.86
C PRO C 130 -23.51 12.67 10.79
N ALA C 131 -24.14 13.83 11.07
CA ALA C 131 -25.60 13.92 10.96
C ALA C 131 -26.09 13.59 9.55
N VAL C 132 -25.35 14.12 8.57
CA VAL C 132 -25.62 13.99 7.16
C VAL C 132 -25.30 12.58 6.73
N GLN C 133 -24.18 12.04 7.23
CA GLN C 133 -23.77 10.69 6.88
C GLN C 133 -24.85 9.70 7.27
N GLN C 134 -25.43 9.89 8.46
CA GLN C 134 -26.48 9.01 8.94
C GLN C 134 -27.71 9.11 8.07
N ASP C 135 -28.10 10.33 7.67
CA ASP C 135 -29.26 10.47 6.81
C ASP C 135 -29.06 9.68 5.53
N TYR C 136 -27.85 9.81 4.97
CA TYR C 136 -27.45 9.09 3.77
C TYR C 136 -27.44 7.57 3.95
N TYR C 137 -26.81 7.08 5.02
CA TYR C 137 -26.68 5.65 5.27
C TYR C 137 -28.05 5.00 5.32
N LYS C 138 -29.01 5.68 5.95
CA LYS C 138 -30.37 5.21 6.12
C LYS C 138 -31.11 4.96 4.80
N LEU C 139 -30.64 5.54 3.69
CA LEU C 139 -31.29 5.38 2.41
C LEU C 139 -31.05 3.99 1.85
N PHE C 140 -30.11 3.27 2.47
CA PHE C 140 -29.74 1.95 2.05
C PHE C 140 -30.25 0.93 3.08
N ASP C 141 -31.10 1.39 4.00
CA ASP C 141 -31.62 0.48 5.02
C ASP C 141 -33.09 0.10 4.80
N GLY C 142 -33.48 -1.01 5.41
CA GLY C 142 -34.86 -1.49 5.39
C GLY C 142 -35.28 -2.10 4.06
N SER C 143 -36.55 -2.48 3.97
CA SER C 143 -37.10 -3.13 2.77
C SER C 143 -37.16 -2.22 1.54
N ASN C 144 -37.09 -0.91 1.78
CA ASN C 144 -37.16 0.09 0.72
C ASN C 144 -35.79 0.66 0.41
N ALA C 145 -34.76 -0.04 0.87
CA ALA C 145 -33.37 0.35 0.66
C ALA C 145 -33.03 0.50 -0.79
N ARG C 146 -32.20 1.47 -1.13
CA ARG C 146 -31.79 1.63 -2.53
C ARG C 146 -31.15 0.33 -3.06
N ASP C 147 -30.42 -0.35 -2.17
CA ASP C 147 -29.78 -1.63 -2.42
C ASP C 147 -30.76 -2.78 -2.77
N ARG C 148 -32.03 -2.64 -2.40
CA ARG C 148 -33.05 -3.65 -2.67
C ARG C 148 -34.01 -3.20 -3.79
N VAL C 149 -34.29 -1.91 -3.84
CA VAL C 149 -35.19 -1.31 -4.82
C VAL C 149 -34.55 -1.25 -6.20
N LEU C 150 -33.32 -0.75 -6.24
CA LEU C 150 -32.58 -0.66 -7.48
C LEU C 150 -31.73 -1.92 -7.58
N GLY C 151 -31.02 -2.26 -6.49
CA GLY C 151 -30.22 -3.48 -6.48
C GLY C 151 -29.36 -3.53 -7.72
N ASN C 152 -29.46 -4.65 -8.46
CA ASN C 152 -28.72 -4.81 -9.70
C ASN C 152 -29.71 -4.99 -10.85
N LYS C 153 -30.89 -4.38 -10.70
CA LYS C 153 -31.96 -4.44 -11.69
C LYS C 153 -32.16 -3.07 -12.35
N ALA C 154 -31.91 -2.00 -11.58
CA ALA C 154 -32.06 -0.64 -12.08
C ALA C 154 -30.96 0.25 -11.54
N ARG C 155 -30.68 1.32 -12.28
CA ARG C 155 -29.62 2.28 -11.94
C ARG C 155 -30.06 3.73 -12.09
N ILE C 156 -29.41 4.61 -11.32
CA ILE C 156 -29.70 6.04 -11.40
C ILE C 156 -28.53 6.87 -11.91
N THR C 157 -28.81 7.67 -12.94
CA THR C 157 -27.84 8.57 -13.54
C THR C 157 -28.15 10.00 -13.12
N VAL C 158 -27.13 10.69 -12.59
CA VAL C 158 -27.28 12.07 -12.13
C VAL C 158 -26.26 12.99 -12.77
N ARG C 159 -26.74 14.17 -13.17
CA ARG C 159 -25.91 15.21 -13.77
C ARG C 159 -26.33 16.58 -13.24
N VAL C 160 -25.35 17.42 -12.91
CA VAL C 160 -25.60 18.77 -12.43
C VAL C 160 -25.53 19.78 -13.55
N ARG C 161 -26.55 20.64 -13.63
CA ARG C 161 -26.63 21.66 -14.67
C ARG C 161 -25.96 22.95 -14.25
N SER C 162 -26.19 23.37 -13.01
CA SER C 162 -25.66 24.63 -12.51
C SER C 162 -25.63 24.76 -11.00
N ILE C 163 -24.54 25.31 -10.46
CA ILE C 163 -24.45 25.58 -9.03
C ILE C 163 -24.12 27.03 -8.77
N GLN C 164 -24.91 27.66 -7.92
CA GLN C 164 -24.66 29.05 -7.55
C GLN C 164 -24.67 29.25 -6.02
N PRO C 165 -23.52 29.54 -5.40
CA PRO C 165 -23.36 29.85 -3.98
C PRO C 165 -24.21 31.06 -3.60
N ASN C 166 -24.77 31.04 -2.40
CA ASN C 166 -25.64 32.13 -1.97
C ASN C 166 -25.43 32.42 -0.49
N GLY C 167 -24.28 32.98 -0.16
CA GLY C 167 -23.95 33.22 1.25
C GLY C 167 -22.73 32.42 1.66
N ARG C 168 -22.55 32.27 2.97
CA ARG C 168 -21.83 31.84 4.16
C ARG C 168 -22.05 30.35 4.41
N GLY C 169 -21.37 29.51 3.62
CA GLY C 169 -21.56 28.06 3.75
C GLY C 169 -22.85 27.54 3.12
N GLN C 170 -23.37 28.21 2.09
CA GLN C 170 -24.61 27.74 1.50
C GLN C 170 -24.66 27.94 0.00
N ALA C 171 -25.17 26.93 -0.71
CA ALA C 171 -25.32 26.99 -2.17
C ALA C 171 -26.51 26.22 -2.71
N THR C 172 -26.96 26.66 -3.90
CA THR C 172 -28.06 26.00 -4.60
C THR C 172 -27.58 25.19 -5.80
N VAL C 173 -27.96 23.91 -5.83
CA VAL C 173 -27.56 23.02 -6.92
C VAL C 173 -28.75 22.59 -7.78
N ARG C 174 -28.71 22.92 -9.06
CA ARG C 174 -29.77 22.56 -9.98
C ARG C 174 -29.30 21.37 -10.80
N PHE C 175 -30.04 20.26 -10.73
CA PHE C 175 -29.60 19.03 -11.38
C PHE C 175 -30.74 18.16 -11.87
N THR C 176 -30.40 17.14 -12.66
CA THR C 176 -31.40 16.20 -13.13
C THR C 176 -31.02 14.78 -12.77
N THR C 177 -32.01 13.90 -12.85
CA THR C 177 -31.84 12.49 -12.58
C THR C 177 -32.76 11.59 -13.39
N GLN C 178 -32.26 10.42 -13.75
CA GLN C 178 -33.05 9.46 -14.52
C GLN C 178 -32.77 8.00 -14.18
N GLN C 179 -33.79 7.15 -14.35
CA GLN C 179 -33.61 5.72 -14.08
C GLN C 179 -33.58 4.84 -15.32
N HIS C 180 -32.55 4.00 -15.36
CA HIS C 180 -32.26 3.05 -16.43
C HIS C 180 -32.39 1.63 -15.88
N ASN C 181 -32.68 0.64 -16.74
CA ASN C 181 -32.72 -0.71 -16.17
C ASN C 181 -32.25 -1.85 -17.08
N SER C 182 -32.30 -3.06 -16.51
CA SER C 182 -31.86 -4.31 -17.11
C SER C 182 -32.66 -4.76 -18.32
N ASN C 183 -33.81 -4.15 -18.57
CA ASN C 183 -34.62 -4.52 -19.72
C ASN C 183 -34.33 -3.56 -20.87
N GLY C 184 -33.36 -2.66 -20.64
CA GLY C 184 -32.97 -1.68 -21.62
C GLY C 184 -33.91 -0.49 -21.71
N THR C 185 -34.74 -0.23 -20.68
CA THR C 185 -35.63 0.90 -20.81
C THR C 185 -35.10 2.05 -19.99
N VAL C 186 -35.65 3.24 -20.24
CA VAL C 186 -35.29 4.45 -19.51
C VAL C 186 -36.55 5.21 -19.12
N GLU C 187 -36.63 5.60 -17.84
CA GLU C 187 -37.75 6.39 -17.33
C GLU C 187 -37.55 7.85 -17.67
N ALA C 188 -38.65 8.60 -17.76
CA ALA C 188 -38.51 10.02 -18.06
C ALA C 188 -37.64 10.69 -16.98
N PRO C 189 -36.73 11.61 -17.36
CA PRO C 189 -35.87 12.32 -16.45
C PRO C 189 -36.66 13.26 -15.58
N GLN C 190 -36.19 13.42 -14.36
CA GLN C 190 -36.78 14.33 -13.41
C GLN C 190 -35.83 15.47 -13.15
N HIS C 191 -36.37 16.60 -12.70
CA HIS C 191 -35.56 17.75 -12.34
C HIS C 191 -35.68 17.98 -10.85
N GLN C 192 -34.55 18.24 -10.19
CA GLN C 192 -34.46 18.45 -8.75
C GLN C 192 -33.52 19.59 -8.35
N ILE C 193 -33.78 20.20 -7.19
CA ILE C 193 -32.87 21.22 -6.70
C ILE C 193 -32.43 20.94 -5.27
N ALA C 194 -31.12 20.92 -5.06
CA ALA C 194 -30.59 20.66 -3.73
C ALA C 194 -30.12 21.94 -3.07
N THR C 195 -30.32 22.00 -1.77
CA THR C 195 -29.80 23.10 -0.98
C THR C 195 -28.76 22.49 -0.07
N ILE C 196 -27.55 23.01 -0.15
CA ILE C 196 -26.50 22.43 0.64
C ILE C 196 -25.87 23.41 1.59
N GLY C 197 -25.86 23.01 2.87
CA GLY C 197 -25.18 23.78 3.90
C GLY C 197 -23.82 23.11 4.01
N TYR C 198 -22.74 23.89 4.08
CA TYR C 198 -21.43 23.23 4.13
C TYR C 198 -20.31 24.04 4.75
N THR C 199 -19.26 23.31 5.05
CA THR C 199 -18.02 23.86 5.54
C THR C 199 -16.87 23.00 5.06
N TYR C 200 -15.70 23.27 5.59
CA TYR C 200 -14.51 22.48 5.32
C TYR C 200 -13.85 22.19 6.65
N ILE C 201 -13.36 20.96 6.82
CA ILE C 201 -12.71 20.57 8.07
C ILE C 201 -11.19 20.42 7.94
N GLY C 202 -10.67 20.86 6.82
CA GLY C 202 -9.24 20.81 6.56
C GLY C 202 -8.82 19.44 6.08
N ALA C 203 -7.55 19.29 5.77
CA ALA C 203 -7.07 18.03 5.26
C ALA C 203 -7.30 16.90 6.28
N PRO C 204 -7.73 15.70 5.85
CA PRO C 204 -7.93 14.50 6.65
C PRO C 204 -6.58 13.85 6.90
N MET C 205 -6.46 12.96 7.89
CA MET C 205 -5.17 12.31 8.14
C MET C 205 -5.17 10.79 8.00
N ARG C 206 -5.60 10.34 6.83
CA ARG C 206 -5.62 8.93 6.41
C ARG C 206 -5.45 8.88 4.90
N SER C 207 -4.65 7.96 4.37
CA SER C 207 -4.47 7.92 2.91
C SER C 207 -5.78 7.67 2.15
N SER C 208 -6.66 6.88 2.76
CA SER C 208 -7.95 6.55 2.16
C SER C 208 -8.93 7.72 2.11
N ASP C 209 -8.64 8.79 2.86
CA ASP C 209 -9.48 9.97 2.87
C ASP C 209 -8.87 11.10 2.04
N ARG C 210 -7.55 11.28 2.14
CA ARG C 210 -6.90 12.41 1.48
C ARG C 210 -6.91 12.23 -0.02
N LEU C 211 -6.93 10.99 -0.48
CA LEU C 211 -6.93 10.76 -1.91
C LEU C 211 -8.35 10.92 -2.52
N LEU C 212 -9.35 11.20 -1.67
CA LEU C 212 -10.74 11.41 -2.10
C LEU C 212 -11.26 12.84 -1.77
N ASN C 213 -10.87 13.41 -0.61
CA ASN C 213 -11.36 14.72 -0.14
C ASN C 213 -10.29 15.56 0.59
N PRO C 214 -9.16 15.91 -0.05
CA PRO C 214 -7.98 16.58 0.53
C PRO C 214 -8.27 17.96 1.12
N LEU C 215 -9.29 18.58 0.58
CA LEU C 215 -9.77 19.90 0.95
C LEU C 215 -10.55 19.93 2.24
N GLY C 216 -11.11 18.77 2.61
CA GLY C 216 -11.96 18.64 3.78
C GLY C 216 -13.41 19.05 3.58
N PHE C 217 -13.94 18.98 2.36
CA PHE C 217 -15.34 19.41 2.15
C PHE C 217 -16.28 18.63 3.03
N GLN C 218 -17.23 19.33 3.65
CA GLN C 218 -18.18 18.64 4.46
C GLN C 218 -19.57 19.26 4.43
N VAL C 219 -20.57 18.45 4.12
CA VAL C 219 -21.95 18.88 4.14
C VAL C 219 -22.47 18.83 5.56
N THR C 220 -23.09 19.92 6.01
CA THR C 220 -23.59 19.96 7.38
C THR C 220 -25.11 19.91 7.40
N SER C 221 -25.72 20.17 6.26
CA SER C 221 -27.17 20.15 6.08
C SER C 221 -27.47 19.85 4.62
N TYR C 222 -28.49 19.02 4.38
CA TYR C 222 -28.82 18.69 3.00
C TYR C 222 -30.29 18.40 2.76
N ARG C 223 -30.82 18.96 1.70
CA ARG C 223 -32.17 18.63 1.25
C ARG C 223 -32.26 18.76 -0.25
N ALA C 224 -33.12 17.97 -0.89
CA ALA C 224 -33.34 18.12 -2.32
C ALA C 224 -34.79 17.84 -2.64
N ASP C 225 -35.42 18.82 -3.27
CA ASP C 225 -36.83 18.79 -3.61
C ASP C 225 -37.01 18.70 -5.14
N PRO C 226 -38.13 18.16 -5.65
CA PRO C 226 -38.48 18.17 -7.06
C PRO C 226 -38.59 19.60 -7.57
N GLU C 227 -38.13 19.83 -8.79
CA GLU C 227 -38.28 21.11 -9.43
C GLU C 227 -39.61 21.13 -10.16
N ILE C 228 -40.37 22.19 -10.03
CA ILE C 228 -41.62 22.25 -10.78
C ILE C 228 -41.40 23.10 -12.00
N LEU C 229 -41.48 22.47 -13.16
CA LEU C 229 -41.16 23.13 -14.41
C LEU C 229 -42.31 23.98 -14.94
N ASN C 230 -42.62 25.05 -14.20
CA ASN C 230 -43.70 25.96 -14.58
C ASN C 230 -43.22 26.92 -15.64
N ASN C 231 -42.96 26.37 -16.82
CA ASN C 231 -42.41 27.07 -17.96
C ASN C 231 -43.47 27.35 -19.01
N GLN D 63 29.68 6.25 22.65
CA GLN D 63 29.12 5.02 22.02
C GLN D 63 27.60 5.08 22.07
N PRO D 64 26.87 4.58 21.04
CA PRO D 64 25.38 4.55 21.11
C PRO D 64 24.73 3.29 21.68
N ALA D 65 23.46 3.39 22.10
CA ALA D 65 22.74 2.25 22.73
C ALA D 65 21.54 1.83 21.88
N PRO D 66 20.95 0.63 22.08
CA PRO D 66 19.87 0.14 21.19
C PRO D 66 18.45 0.01 21.77
N ALA D 67 17.42 0.29 20.95
CA ALA D 67 16.02 0.16 21.40
C ALA D 67 15.41 -1.17 20.92
N PRO D 68 14.12 -1.45 21.19
CA PRO D 68 13.47 -2.67 20.70
C PRO D 68 13.21 -2.60 19.19
N LEU D 69 13.07 -3.76 18.53
CA LEU D 69 12.93 -3.74 17.04
C LEU D 69 11.45 -3.77 16.63
N VAL D 70 10.80 -4.93 16.72
CA VAL D 70 9.34 -5.02 16.38
C VAL D 70 8.74 -6.28 17.01
N LEU D 71 7.41 -6.29 17.21
CA LEU D 71 6.73 -7.52 17.71
C LEU D 71 5.60 -7.87 16.73
N ARG D 72 5.49 -9.13 16.32
CA ARG D 72 4.47 -9.52 15.32
C ARG D 72 3.15 -9.87 16.03
N VAL D 73 2.02 -9.41 15.49
CA VAL D 73 0.68 -9.70 16.08
C VAL D 73 -0.29 -9.86 14.91
N ASP D 74 -0.41 -11.09 14.37
CA ASP D 74 -1.25 -11.29 13.19
C ASP D 74 -2.67 -10.78 13.44
N ASN D 75 -3.21 -9.84 12.61
CA ASN D 75 -4.52 -9.20 12.73
C ASN D 75 -5.66 -10.20 12.48
N ALA D 76 -5.34 -11.28 11.72
CA ALA D 76 -6.34 -12.28 11.33
C ALA D 76 -6.33 -13.47 12.31
N THR D 77 -5.17 -13.84 12.87
CA THR D 77 -5.05 -15.05 13.69
C THR D 77 -4.73 -14.69 15.14
N GLY D 78 -4.35 -13.48 15.36
CA GLY D 78 -3.95 -13.07 16.70
C GLY D 78 -2.66 -13.73 17.16
N ALA D 79 -1.98 -14.40 16.23
CA ALA D 79 -0.73 -15.13 16.58
C ALA D 79 0.38 -14.13 16.91
N VAL D 80 1.19 -14.43 17.93
CA VAL D 80 2.28 -13.51 18.34
C VAL D 80 3.63 -14.13 17.95
N ASP D 81 4.45 -13.41 17.19
CA ASP D 81 5.81 -13.91 16.82
C ASP D 81 6.84 -12.95 17.40
N VAL D 82 7.90 -13.49 18.02
CA VAL D 82 8.90 -12.61 18.70
C VAL D 82 10.13 -12.46 17.81
N VAL D 83 10.55 -11.22 17.55
CA VAL D 83 11.80 -10.95 16.76
C VAL D 83 12.98 -11.13 17.71
N THR D 84 14.22 -11.09 17.19
CA THR D 84 15.38 -11.35 18.08
C THR D 84 15.36 -10.32 19.21
N THR D 85 15.12 -9.04 18.90
CA THR D 85 14.97 -8.05 19.99
C THR D 85 13.61 -8.36 20.65
N LEU D 86 13.63 -8.81 21.91
CA LEU D 86 12.36 -9.24 22.57
C LEU D 86 11.40 -8.06 22.67
N ARG D 87 10.11 -8.33 22.47
CA ARG D 87 9.08 -7.26 22.59
C ARG D 87 9.14 -6.71 24.02
N GLU D 88 9.16 -5.39 24.16
CA GLU D 88 9.30 -4.80 25.52
C GLU D 88 8.00 -4.94 26.30
N HIS D 89 8.11 -5.19 27.61
CA HIS D 89 6.89 -5.25 28.47
C HIS D 89 6.67 -3.88 29.10
N GLU D 90 7.53 -2.91 28.77
CA GLU D 90 7.42 -1.53 29.34
C GLU D 90 7.50 -1.62 30.86
N SER D 91 8.36 -2.50 31.39
CA SER D 91 8.53 -2.67 32.86
C SER D 91 7.16 -2.81 33.56
N SER D 92 6.18 -3.40 32.86
CA SER D 92 4.84 -3.62 33.46
C SER D 92 4.31 -4.98 32.97
N TYR D 93 3.34 -5.56 33.67
CA TYR D 93 2.86 -6.91 33.27
C TYR D 93 2.29 -6.82 31.85
N GLY D 94 1.51 -5.77 31.56
CA GLY D 94 1.00 -5.56 30.19
C GLY D 94 -0.22 -6.41 29.89
N GLU D 95 -0.81 -6.26 28.70
CA GLU D 95 -1.93 -7.13 28.29
C GLU D 95 -1.39 -8.26 27.42
N VAL D 96 -0.54 -7.93 26.44
CA VAL D 96 0.08 -8.96 25.55
C VAL D 96 1.55 -9.16 25.96
N VAL D 97 2.11 -8.21 26.72
CA VAL D 97 3.54 -8.31 27.17
C VAL D 97 3.68 -9.54 28.06
N ASP D 98 2.72 -9.75 28.97
CA ASP D 98 2.72 -10.95 29.84
C ASP D 98 2.55 -12.20 28.99
N THR D 99 1.70 -12.14 27.96
CA THR D 99 1.41 -13.33 27.12
C THR D 99 2.67 -13.82 26.40
N TYR D 100 3.36 -12.94 25.66
CA TYR D 100 4.52 -13.39 24.85
C TYR D 100 5.66 -13.81 25.79
N TRP D 101 5.96 -12.96 26.79
CA TRP D 101 7.06 -13.26 27.68
C TRP D 101 6.82 -14.49 28.53
N LEU D 102 5.58 -14.65 28.99
CA LEU D 102 5.19 -15.78 29.81
C LEU D 102 5.33 -17.07 29.00
N ASN D 103 4.93 -17.04 27.72
CA ASN D 103 5.10 -18.17 26.81
C ASN D 103 6.54 -18.52 26.60
N GLN D 104 7.35 -17.53 26.23
CA GLN D 104 8.73 -17.82 25.93
C GLN D 104 9.44 -18.32 27.19
N TYR D 105 9.08 -17.77 28.35
CA TYR D 105 9.68 -18.20 29.60
C TYR D 105 9.39 -19.66 29.87
N VAL D 106 8.11 -20.04 29.83
CA VAL D 106 7.72 -21.41 30.12
C VAL D 106 8.28 -22.39 29.13
N LEU D 107 8.19 -22.06 27.84
CA LEU D 107 8.68 -22.97 26.84
C LEU D 107 10.16 -23.23 27.06
N ASN D 108 10.96 -22.17 27.17
CA ASN D 108 12.39 -22.36 27.30
C ASN D 108 12.78 -23.00 28.62
N ARG D 109 12.10 -22.63 29.71
CA ARG D 109 12.37 -23.18 31.03
C ARG D 109 12.11 -24.67 31.12
N GLU D 110 10.92 -25.09 30.66
CA GLU D 110 10.46 -26.47 30.76
C GLU D 110 11.06 -27.40 29.70
N ALA D 111 11.37 -26.88 28.51
CA ALA D 111 11.90 -27.64 27.40
C ALA D 111 13.37 -28.02 27.60
N TYR D 112 13.83 -29.00 26.81
CA TYR D 112 15.23 -29.42 26.86
C TYR D 112 15.73 -30.09 25.61
N ASP D 113 16.88 -29.64 25.15
CA ASP D 113 17.58 -30.23 24.03
C ASP D 113 19.04 -29.93 24.20
N TYR D 114 19.84 -30.96 24.34
CA TYR D 114 21.28 -30.88 24.54
C TYR D 114 21.92 -29.85 23.61
N ASN D 115 21.43 -29.80 22.38
CA ASN D 115 21.92 -28.96 21.31
C ASN D 115 21.58 -27.46 21.42
N THR D 116 20.48 -27.10 22.09
CA THR D 116 20.05 -25.70 22.15
C THR D 116 19.92 -25.15 23.58
N ILE D 117 19.96 -26.04 24.58
CA ILE D 117 19.75 -25.70 25.98
C ILE D 117 20.65 -24.60 26.47
N GLN D 118 21.87 -24.44 25.98
CA GLN D 118 22.63 -23.34 26.54
C GLN D 118 21.92 -22.00 26.36
N MET D 119 21.22 -21.81 25.22
CA MET D 119 20.54 -20.54 25.01
C MET D 119 19.29 -20.48 25.83
N ASN D 120 18.57 -21.60 25.94
CA ASN D 120 17.32 -21.59 26.69
C ASN D 120 17.60 -21.38 28.18
N TYR D 121 18.71 -21.95 28.65
CA TYR D 121 19.18 -21.90 30.01
C TYR D 121 19.51 -20.47 30.40
N ASP D 122 20.37 -19.83 29.59
CA ASP D 122 20.75 -18.44 29.83
C ASP D 122 19.57 -17.51 29.67
N THR D 123 18.68 -17.78 28.71
CA THR D 123 17.50 -16.96 28.50
C THR D 123 16.60 -17.06 29.72
N THR D 124 16.38 -18.28 30.22
CA THR D 124 15.52 -18.43 31.38
C THR D 124 16.11 -17.60 32.51
N ALA D 125 17.42 -17.72 32.75
CA ALA D 125 18.01 -16.93 33.82
C ALA D 125 17.84 -15.42 33.59
N LEU D 126 17.99 -14.98 32.35
CA LEU D 126 17.82 -13.60 31.97
C LEU D 126 16.42 -13.06 32.23
N LEU D 127 15.43 -13.94 32.24
CA LEU D 127 14.04 -13.60 32.45
C LEU D 127 13.60 -14.03 33.85
N SER D 128 14.54 -14.25 34.77
CA SER D 128 14.25 -14.69 36.15
C SER D 128 14.92 -13.85 37.25
N ALA D 129 14.18 -13.62 38.32
CA ALA D 129 14.71 -13.00 39.53
C ALA D 129 15.74 -13.96 40.09
N PRO D 130 16.83 -13.54 40.75
CA PRO D 130 17.85 -14.42 41.34
C PRO D 130 17.26 -15.61 42.10
N ALA D 131 16.18 -15.41 42.88
CA ALA D 131 15.55 -16.52 43.58
C ALA D 131 15.09 -17.63 42.63
N VAL D 132 14.50 -17.17 41.52
CA VAL D 132 13.94 -18.02 40.48
C VAL D 132 15.08 -18.64 39.70
N GLN D 133 16.11 -17.85 39.41
CA GLN D 133 17.26 -18.34 38.66
C GLN D 133 17.87 -19.51 39.39
N GLN D 134 18.02 -19.39 40.72
CA GLN D 134 18.59 -20.46 41.51
C GLN D 134 17.73 -21.71 41.47
N ASP D 135 16.41 -21.55 41.58
CA ASP D 135 15.53 -22.71 41.52
C ASP D 135 15.76 -23.46 40.20
N TYR D 136 15.83 -22.68 39.11
CA TYR D 136 16.08 -23.21 37.79
C TYR D 136 17.45 -23.88 37.66
N TYR D 137 18.51 -23.22 38.12
CA TYR D 137 19.87 -23.74 37.99
C TYR D 137 19.98 -25.11 38.65
N LYS D 138 19.33 -25.25 39.81
CA LYS D 138 19.33 -26.48 40.60
C LYS D 138 18.75 -27.68 39.86
N LEU D 139 17.97 -27.47 38.80
CA LEU D 139 17.35 -28.56 38.06
C LEU D 139 18.40 -29.29 37.22
N PHE D 140 19.57 -28.68 37.10
CA PHE D 140 20.65 -29.22 36.32
C PHE D 140 21.76 -29.72 37.26
N ASP D 141 21.46 -29.79 38.56
CA ASP D 141 22.46 -30.24 39.52
C ASP D 141 22.20 -31.65 40.05
N GLY D 142 23.25 -32.27 40.56
CA GLY D 142 23.18 -33.58 41.20
C GLY D 142 23.01 -34.74 40.22
N SER D 143 22.86 -35.94 40.75
CA SER D 143 22.73 -37.16 39.95
C SER D 143 21.45 -37.23 39.13
N ASN D 144 20.45 -36.44 39.53
CA ASN D 144 19.14 -36.41 38.87
C ASN D 144 19.00 -35.17 37.99
N ALA D 145 20.14 -34.55 37.68
CA ALA D 145 20.20 -33.37 36.83
C ALA D 145 19.59 -33.61 35.48
N ARG D 146 18.93 -32.61 34.92
CA ARG D 146 18.35 -32.76 33.59
C ARG D 146 19.47 -33.13 32.58
N ASP D 147 20.65 -32.57 32.80
CA ASP D 147 21.86 -32.80 32.01
C ASP D 147 22.34 -34.27 32.04
N ARG D 148 21.93 -35.03 33.06
CA ARG D 148 22.33 -36.43 33.20
C ARG D 148 21.18 -37.38 32.87
N VAL D 149 19.95 -36.97 33.21
CA VAL D 149 18.75 -37.76 33.00
C VAL D 149 18.35 -37.77 31.53
N LEU D 150 18.32 -36.59 30.92
CA LEU D 150 18.01 -36.46 29.53
C LEU D 150 19.32 -36.48 28.75
N GLY D 151 20.29 -35.68 29.21
CA GLY D 151 21.61 -35.67 28.57
C GLY D 151 21.44 -35.52 27.08
N ASN D 152 22.04 -36.44 26.32
CA ASN D 152 21.93 -36.43 24.87
C ASN D 152 21.27 -37.74 24.42
N LYS D 153 20.43 -38.30 25.29
CA LYS D 153 19.70 -39.53 25.04
C LYS D 153 18.21 -39.26 24.85
N ALA D 154 17.70 -38.23 25.53
CA ALA D 154 16.29 -37.87 25.46
C ALA D 154 16.13 -36.36 25.47
N ARG D 155 15.03 -35.90 24.90
CA ARG D 155 14.71 -34.48 24.79
C ARG D 155 13.27 -34.14 25.15
N ILE D 156 13.06 -32.90 25.60
CA ILE D 156 11.71 -32.43 25.94
C ILE D 156 11.21 -31.31 25.04
N THR D 157 10.02 -31.54 24.50
CA THR D 157 9.34 -30.58 23.64
C THR D 157 8.20 -29.94 24.41
N VAL D 158 8.17 -28.60 24.42
CA VAL D 158 7.14 -27.84 25.12
C VAL D 158 6.45 -26.84 24.22
N ARG D 159 5.12 -26.78 24.36
CA ARG D 159 4.29 -25.85 23.60
C ARG D 159 3.21 -25.28 24.52
N VAL D 160 2.96 -23.98 24.41
CA VAL D 160 1.93 -23.30 25.19
C VAL D 160 0.63 -23.18 24.41
N ARG D 161 -0.48 -23.58 25.04
CA ARG D 161 -1.79 -23.54 24.41
C ARG D 161 -2.49 -22.21 24.62
N SER D 162 -2.41 -21.69 25.85
CA SER D 162 -3.10 -20.44 26.19
C SER D 162 -2.58 -19.77 27.46
N ILE D 163 -2.46 -18.43 27.41
CA ILE D 163 -2.07 -17.68 28.59
C ILE D 163 -3.07 -16.59 28.88
N GLN D 164 -3.54 -16.55 30.13
CA GLN D 164 -4.47 -15.52 30.55
C GLN D 164 -4.02 -14.82 31.85
N PRO D 165 -3.62 -13.54 31.80
CA PRO D 165 -3.26 -12.71 32.93
C PRO D 165 -4.41 -12.61 33.91
N ASN D 166 -4.10 -12.58 35.20
CA ASN D 166 -5.14 -12.53 36.22
C ASN D 166 -4.72 -11.65 37.38
N GLY D 167 -4.67 -10.34 37.15
CA GLY D 167 -4.18 -9.41 38.15
C GLY D 167 -2.91 -8.71 37.71
N ARG D 168 -2.20 -8.13 38.66
CA ARG D 168 -1.11 -7.33 39.17
C ARG D 168 0.18 -8.14 39.24
N GLY D 169 0.82 -8.36 38.07
CA GLY D 169 2.03 -9.17 38.01
C GLY D 169 1.76 -10.68 38.09
N GLN D 170 0.60 -11.14 37.65
CA GLN D 170 0.33 -12.58 37.74
C GLN D 170 -0.47 -13.10 36.56
N ALA D 171 -0.07 -14.29 36.08
CA ALA D 171 -0.76 -14.93 34.97
C ALA D 171 -0.75 -16.45 35.02
N THR D 172 -1.74 -17.05 34.36
CA THR D 172 -1.84 -18.51 34.26
C THR D 172 -1.49 -19.01 32.86
N VAL D 173 -0.55 -19.96 32.81
CA VAL D 173 -0.10 -20.53 31.54
C VAL D 173 -0.49 -22.00 31.39
N ARG D 174 -1.28 -22.30 30.37
CA ARG D 174 -1.72 -23.66 30.12
C ARG D 174 -0.88 -24.22 28.97
N PHE D 175 -0.17 -25.32 29.24
CA PHE D 175 0.75 -25.84 28.24
C PHE D 175 0.91 -27.35 28.30
N THR D 176 1.57 -27.91 27.28
CA THR D 176 1.82 -29.34 27.26
C THR D 176 3.31 -29.61 27.10
N THR D 177 3.67 -30.86 27.40
CA THR D 177 5.05 -31.32 27.29
C THR D 177 5.16 -32.80 26.94
N GLN D 178 6.18 -33.14 26.17
CA GLN D 178 6.41 -34.54 25.80
C GLN D 178 7.87 -34.91 25.66
N GLN D 179 8.18 -36.19 25.90
CA GLN D 179 9.56 -36.67 25.79
C GLN D 179 9.81 -37.57 24.59
N HIS D 180 10.85 -37.20 23.85
CA HIS D 180 11.34 -37.88 22.64
C HIS D 180 12.71 -38.48 22.91
N ASN D 181 13.10 -39.53 22.18
CA ASN D 181 14.46 -40.02 22.42
C ASN D 181 15.22 -40.59 21.22
N SER D 182 16.46 -41.00 21.50
CA SER D 182 17.43 -41.53 20.54
C SER D 182 17.03 -42.84 19.88
N ASN D 183 16.02 -43.53 20.41
CA ASN D 183 15.59 -44.79 19.84
C ASN D 183 14.41 -44.52 18.91
N GLY D 184 14.07 -43.25 18.74
CA GLY D 184 12.98 -42.85 17.89
C GLY D 184 11.61 -43.00 18.54
N THR D 185 11.53 -43.11 19.87
CA THR D 185 10.22 -43.28 20.46
C THR D 185 9.75 -41.97 21.05
N VAL D 186 8.46 -41.90 21.35
CA VAL D 186 7.86 -40.73 21.98
C VAL D 186 6.94 -41.16 23.12
N GLU D 187 7.09 -40.54 24.27
CA GLU D 187 6.26 -40.80 25.44
C GLU D 187 4.95 -40.06 25.31
N ALA D 188 3.90 -40.55 25.97
CA ALA D 188 2.62 -39.86 25.91
C ALA D 188 2.79 -38.43 26.45
N PRO D 189 2.17 -37.42 25.81
CA PRO D 189 2.23 -36.04 26.22
C PRO D 189 1.53 -35.84 27.54
N GLN D 190 2.04 -34.92 28.32
CA GLN D 190 1.46 -34.54 29.58
C GLN D 190 0.93 -33.13 29.49
N HIS D 191 -0.03 -32.81 30.36
CA HIS D 191 -0.58 -31.47 30.41
C HIS D 191 -0.21 -30.85 31.76
N GLN D 192 0.23 -29.59 31.73
CA GLN D 192 0.67 -28.86 32.92
C GLN D 192 0.18 -27.41 32.95
N ILE D 193 0.05 -26.84 34.15
CA ILE D 193 -0.31 -25.44 34.25
C ILE D 193 0.66 -24.67 35.14
N ALA D 194 1.21 -23.58 34.61
CA ALA D 194 2.16 -22.78 35.37
C ALA D 194 1.51 -21.52 35.89
N THR D 195 1.91 -21.13 37.08
CA THR D 195 1.48 -19.87 37.65
C THR D 195 2.72 -19.03 37.74
N ILE D 196 2.66 -17.86 37.11
CA ILE D 196 3.83 -17.03 37.09
C ILE D 196 3.62 -15.67 37.72
N GLY D 197 4.48 -15.36 38.69
CA GLY D 197 4.47 -14.05 39.31
C GLY D 197 5.55 -13.29 38.55
N TYR D 198 5.30 -12.05 38.17
CA TYR D 198 6.31 -11.34 37.39
C TYR D 198 6.27 -9.83 37.44
N THR D 199 7.37 -9.26 37.00
CA THR D 199 7.53 -7.83 36.84
C THR D 199 8.45 -7.58 35.67
N TYR D 200 8.84 -6.32 35.52
CA TYR D 200 9.79 -5.92 34.52
C TYR D 200 10.82 -5.03 35.21
N ILE D 201 12.09 -5.19 34.86
CA ILE D 201 13.16 -4.40 35.47
C ILE D 201 13.75 -3.36 34.53
N GLY D 202 13.09 -3.17 33.40
CA GLY D 202 13.52 -2.20 32.41
C GLY D 202 14.63 -2.76 31.55
N ALA D 203 15.07 -1.97 30.58
CA ALA D 203 16.09 -2.43 29.67
C ALA D 203 17.39 -2.77 30.44
N PRO D 204 18.08 -3.87 30.10
CA PRO D 204 19.35 -4.32 30.64
C PRO D 204 20.47 -3.49 30.01
N MET D 205 21.66 -3.45 30.60
CA MET D 205 22.76 -2.68 30.00
C MET D 205 23.99 -3.51 29.61
N ARG D 206 23.74 -4.53 28.80
CA ARG D 206 24.77 -5.41 28.21
C ARG D 206 24.24 -5.90 26.87
N SER D 207 25.08 -5.95 25.83
CA SER D 207 24.59 -6.41 24.52
C SER D 207 24.04 -7.84 24.56
N SER D 208 24.65 -8.68 25.40
CA SER D 208 24.25 -10.07 25.53
C SER D 208 22.90 -10.27 26.22
N ASP D 209 22.40 -9.21 26.87
CA ASP D 209 21.12 -9.27 27.55
C ASP D 209 20.03 -8.55 26.74
N ARG D 210 20.37 -7.40 26.15
CA ARG D 210 19.36 -6.60 25.46
C ARG D 210 18.90 -7.28 24.19
N LEU D 211 19.76 -8.11 23.60
CA LEU D 211 19.36 -8.78 22.38
C LEU D 211 18.51 -10.03 22.67
N LEU D 212 18.27 -10.34 23.96
CA LEU D 212 17.44 -11.46 24.39
C LEU D 212 16.18 -11.02 25.21
N ASN D 213 16.31 -9.98 26.05
CA ASN D 213 15.22 -9.52 26.93
C ASN D 213 15.18 -7.99 27.11
N PRO D 214 15.00 -7.19 26.04
CA PRO D 214 15.07 -5.73 26.01
C PRO D 214 14.05 -5.01 26.89
N LEU D 215 12.95 -5.71 27.12
CA LEU D 215 11.82 -5.27 27.90
C LEU D 215 12.06 -5.34 29.39
N GLY D 216 13.00 -6.22 29.79
CA GLY D 216 13.29 -6.47 31.19
C GLY D 216 12.38 -7.47 31.87
N PHE D 217 11.75 -8.40 31.15
CA PHE D 217 10.83 -9.34 31.80
C PHE D 217 11.51 -10.10 32.89
N GLN D 218 10.86 -10.24 34.04
CA GLN D 218 11.46 -11.01 35.10
C GLN D 218 10.44 -11.77 35.93
N VAL D 219 10.67 -13.08 36.06
CA VAL D 219 9.82 -13.92 36.89
C VAL D 219 10.27 -13.79 38.34
N THR D 220 9.33 -13.54 39.23
CA THR D 220 9.67 -13.37 40.64
C THR D 220 9.21 -14.56 41.47
N SER D 221 8.30 -15.35 40.89
CA SER D 221 7.76 -16.54 41.53
C SER D 221 7.32 -17.50 40.44
N TYR D 222 7.58 -18.79 40.62
CA TYR D 222 7.17 -19.76 39.61
C TYR D 222 6.83 -21.13 40.15
N ARG D 223 5.72 -21.68 39.66
CA ARG D 223 5.37 -23.06 39.96
C ARG D 223 4.61 -23.66 38.79
N ALA D 224 4.73 -24.97 38.59
CA ALA D 224 3.93 -25.62 37.55
C ALA D 224 3.55 -27.01 38.02
N ASP D 225 2.25 -27.26 38.01
CA ASP D 225 1.66 -28.48 38.47
C ASP D 225 1.06 -29.27 37.31
N PRO D 226 0.92 -30.60 37.39
CA PRO D 226 0.21 -31.43 36.42
C PRO D 226 -1.24 -31.00 36.31
N GLU D 227 -1.77 -31.01 35.11
CA GLU D 227 -3.18 -30.73 34.88
C GLU D 227 -3.95 -32.03 35.00
N ILE D 228 -5.06 -32.04 35.71
CA ILE D 228 -5.82 -33.27 35.77
C ILE D 228 -6.97 -33.14 34.80
N GLN E 86 -11.75 18.24 17.15
CA GLN E 86 -11.29 19.06 16.04
C GLN E 86 -11.84 18.59 14.71
N VAL E 87 -11.00 18.62 13.67
CA VAL E 87 -11.43 18.09 12.33
C VAL E 87 -12.21 16.79 12.57
N ILE E 88 -11.69 15.90 13.41
CA ILE E 88 -12.41 14.63 13.77
C ILE E 88 -12.80 13.89 12.49
N PRO E 89 -11.91 13.75 11.49
CA PRO E 89 -12.29 12.97 10.31
C PRO E 89 -12.59 11.52 10.75
N GLY E 90 -13.68 10.94 10.26
CA GLY E 90 -14.06 9.58 10.67
C GLY E 90 -15.33 9.12 9.97
N TYR E 91 -15.63 7.83 10.02
CA TYR E 91 -16.77 7.28 9.31
C TYR E 91 -17.03 5.87 9.81
N THR E 92 -18.22 5.37 9.58
CA THR E 92 -18.50 3.96 9.73
C THR E 92 -19.18 3.55 8.44
N PRO E 93 -18.50 3.70 7.32
CA PRO E 93 -19.19 3.83 6.05
C PRO E 93 -19.90 2.58 5.60
N ARG E 94 -20.45 2.66 4.40
CA ARG E 94 -21.27 1.60 3.87
C ARG E 94 -20.41 0.44 3.40
N PRO E 95 -20.84 -0.79 3.66
CA PRO E 95 -20.22 -1.92 2.97
C PRO E 95 -20.24 -1.63 1.50
N ILE E 96 -19.05 -1.40 0.96
CA ILE E 96 -18.90 -1.15 -0.51
C ILE E 96 -18.73 -2.51 -1.20
N ARG E 97 -17.76 -3.31 -0.77
CA ARG E 97 -17.46 -4.61 -1.42
C ARG E 97 -18.61 -5.61 -1.30
N PRO E 98 -19.38 -5.66 -0.18
CA PRO E 98 -20.38 -6.71 -0.02
C PRO E 98 -21.73 -6.51 -0.74
N GLU E 99 -21.77 -6.78 -2.05
CA GLU E 99 -23.05 -6.71 -2.81
C GLU E 99 -23.87 -7.98 -2.53
N PRO E 100 -25.21 -7.97 -2.70
CA PRO E 100 -26.00 -9.16 -2.35
C PRO E 100 -26.26 -10.11 -3.54
N GLU E 101 -26.89 -11.25 -3.28
CA GLU E 101 -27.19 -12.21 -4.34
C GLU E 101 -28.21 -11.62 -5.28
N ASN E 102 -27.75 -11.16 -6.43
CA ASN E 102 -28.68 -10.86 -7.51
C ASN E 102 -29.48 -12.12 -7.78
N VAL E 103 -30.80 -12.01 -7.69
CA VAL E 103 -31.65 -13.19 -7.72
C VAL E 103 -31.54 -13.89 -9.07
N VAL F 83 -1.11 35.30 -20.95
CA VAL F 83 0.29 34.97 -20.79
C VAL F 83 0.47 33.47 -20.59
N VAL F 84 -0.48 32.89 -19.87
CA VAL F 84 -0.38 31.47 -19.54
C VAL F 84 -0.47 30.63 -20.80
N ARG F 85 -1.42 30.96 -21.68
CA ARG F 85 -1.87 30.03 -22.70
C ARG F 85 -2.33 28.72 -22.05
N GLN F 86 -2.46 28.70 -20.73
CA GLN F 86 -2.76 27.39 -20.12
C GLN F 86 -4.21 26.95 -20.44
N VAL F 87 -4.39 26.12 -21.46
CA VAL F 87 -5.75 25.66 -21.88
C VAL F 87 -5.70 24.17 -22.28
N ILE F 88 -6.82 23.46 -22.21
CA ILE F 88 -6.87 22.00 -22.54
C ILE F 88 -6.78 21.75 -24.05
N PRO F 89 -6.63 20.47 -24.47
CA PRO F 89 -6.58 20.12 -25.90
C PRO F 89 -7.90 20.04 -26.67
N GLY F 90 -7.81 19.83 -27.99
CA GLY F 90 -9.01 19.62 -28.81
C GLY F 90 -8.89 18.28 -29.50
N TYR F 91 -9.91 17.44 -29.41
CA TYR F 91 -9.85 16.07 -30.00
C TYR F 91 -11.26 15.56 -30.24
N THR F 92 -11.38 14.40 -30.88
CA THR F 92 -12.71 13.86 -31.20
C THR F 92 -13.51 13.59 -29.92
N PRO F 93 -14.85 13.70 -29.95
CA PRO F 93 -15.70 13.48 -28.76
C PRO F 93 -15.36 12.30 -27.85
N ARG F 94 -15.55 12.47 -26.53
CA ARG F 94 -15.26 11.40 -25.55
C ARG F 94 -16.32 10.30 -25.61
N PRO F 95 -17.62 10.61 -25.77
CA PRO F 95 -18.58 9.53 -25.87
C PRO F 95 -19.01 9.36 -27.33
N ILE F 96 -19.09 8.13 -27.79
CA ILE F 96 -19.56 7.86 -29.17
C ILE F 96 -20.68 6.83 -29.03
N ARG F 97 -21.54 6.68 -30.04
CA ARG F 97 -22.71 5.79 -29.92
C ARG F 97 -22.33 4.33 -29.72
N PRO F 98 -22.93 3.62 -28.73
CA PRO F 98 -22.68 2.18 -28.60
C PRO F 98 -23.74 1.42 -29.40
N GLU F 99 -23.66 1.46 -30.73
CA GLU F 99 -24.69 0.81 -31.57
C GLU F 99 -24.60 -0.72 -31.43
N PRO F 100 -25.73 -1.47 -31.52
CA PRO F 100 -25.66 -2.95 -31.48
C PRO F 100 -25.30 -3.48 -32.88
N GLU F 101 -25.14 -4.79 -33.07
CA GLU F 101 -24.70 -5.25 -34.38
C GLU F 101 -25.48 -6.49 -34.82
#